data_1YBD
#
_entry.id   1YBD
#
_cell.length_a   158.292
_cell.length_b   158.292
_cell.length_c   58.741
_cell.angle_alpha   90.00
_cell.angle_beta   90.00
_cell.angle_gamma   120.00
#
_symmetry.space_group_name_H-M   'P 3 2 1'
#
loop_
_entity.id
_entity.type
_entity.pdbx_description
1 polymer 'Uridylate kinase'
2 non-polymer 'FORMIC ACID'
3 non-polymer GLYCEROL
4 water water
#
_entity_poly.entity_id   1
_entity_poly.type   'polypeptide(L)'
_entity_poly.pdbx_seq_one_letter_code
;(MSE)TQQIKYKRVLLKLSGESL(MSE)GSDPFGINHDTIVQTVGEIAEVVK(MSE)GVQVGIVVGGGNIFRGVSAQAGS
(MSE)DRATADY(MSE)G(MSE)(MSE)ATV(MSE)NALALKDAFETLGIKARVQSALS(MSE)QQIAETYARPKAIQYL
EEGKVVIFAAGTGNPFFTTDTAAALRGAE(MSE)NCDV(MSE)LKATNVDGVYTADPKKDPSATRYETITFDEALLKNLK
V(MSE)DATAFALCRERKLNIVVFGIAKEGSLKRVITGEDEGTLVHC
;
_entity_poly.pdbx_strand_id   A,B,C
#
# COMPACT_ATOMS: atom_id res chain seq x y z
N GLN A 4 30.17 -10.19 -19.80
CA GLN A 4 28.69 -10.38 -19.90
C GLN A 4 28.03 -10.43 -18.51
N ILE A 5 28.24 -11.53 -17.79
CA ILE A 5 27.66 -11.73 -16.45
C ILE A 5 28.71 -11.69 -15.33
N LYS A 6 28.56 -10.76 -14.39
CA LYS A 6 29.50 -10.63 -13.29
C LYS A 6 29.21 -11.55 -12.11
N TYR A 7 27.94 -11.76 -11.80
CA TYR A 7 27.54 -12.61 -10.69
C TYR A 7 26.75 -13.81 -11.22
N LYS A 8 27.27 -15.02 -11.00
CA LYS A 8 26.59 -16.22 -11.48
C LYS A 8 25.44 -16.66 -10.60
N ARG A 9 25.69 -16.70 -9.29
CA ARG A 9 24.66 -17.11 -8.33
C ARG A 9 24.46 -16.01 -7.30
N VAL A 10 23.22 -15.56 -7.19
CA VAL A 10 22.90 -14.47 -6.27
C VAL A 10 21.76 -14.77 -5.32
N LEU A 11 21.82 -14.14 -4.15
CA LEU A 11 20.72 -14.27 -3.22
C LEU A 11 20.09 -12.88 -3.19
N LEU A 12 18.92 -12.78 -3.81
CA LEU A 12 18.18 -11.53 -3.90
C LEU A 12 17.29 -11.40 -2.69
N LYS A 13 17.48 -10.35 -1.92
CA LYS A 13 16.65 -10.14 -0.73
C LYS A 13 15.61 -9.07 -1.05
N LEU A 14 14.33 -9.45 -1.03
CA LEU A 14 13.23 -8.55 -1.31
C LEU A 14 12.38 -8.38 -0.07
N SER A 15 12.12 -7.14 0.31
CA SER A 15 11.28 -6.89 1.47
C SER A 15 9.85 -7.03 0.98
N GLY A 16 8.92 -7.32 1.87
CA GLY A 16 7.54 -7.43 1.47
C GLY A 16 7.04 -6.13 0.88
N GLU A 17 7.53 -5.01 1.41
CA GLU A 17 7.11 -3.71 0.93
C GLU A 17 7.40 -3.50 -0.55
N SER A 18 8.46 -4.10 -1.05
CA SER A 18 8.78 -3.94 -2.46
C SER A 18 7.62 -4.40 -3.35
N LEU A 19 6.86 -5.39 -2.90
CA LEU A 19 5.75 -5.91 -3.71
C LEU A 19 4.46 -5.10 -3.48
N GLY A 21 4.07 -1.69 -3.99
CA GLY A 21 3.85 -0.56 -4.86
C GLY A 21 3.35 0.66 -4.10
N SER A 22 2.36 1.35 -4.64
CA SER A 22 1.83 2.52 -3.95
C SER A 22 0.78 2.14 -2.93
N ASP A 23 0.15 0.99 -3.12
CA ASP A 23 -0.88 0.57 -2.18
C ASP A 23 -0.37 0.64 -0.74
N PRO A 24 -1.29 0.70 0.22
CA PRO A 24 -0.94 0.77 1.65
C PRO A 24 -0.92 -0.59 2.36
N PHE A 25 -1.10 -1.66 1.59
CA PHE A 25 -1.16 -3.01 2.17
C PHE A 25 -1.16 -4.06 1.07
N GLY A 26 -0.65 -5.25 1.39
CA GLY A 26 -0.64 -6.35 0.44
C GLY A 26 0.23 -6.30 -0.78
N ILE A 27 -0.15 -7.08 -1.79
CA ILE A 27 0.58 -7.18 -3.04
C ILE A 27 -0.12 -6.47 -4.19
N ASN A 28 0.59 -5.55 -4.82
CA ASN A 28 0.07 -4.80 -5.95
C ASN A 28 0.44 -5.56 -7.23
N HIS A 29 -0.57 -6.06 -7.93
CA HIS A 29 -0.37 -6.82 -9.15
C HIS A 29 0.69 -6.24 -10.09
N ASP A 30 0.60 -4.95 -10.37
CA ASP A 30 1.57 -4.32 -11.27
C ASP A 30 3.00 -4.40 -10.78
N THR A 31 3.23 -4.12 -9.50
CA THR A 31 4.58 -4.14 -8.99
C THR A 31 5.20 -5.53 -9.03
N ILE A 32 4.47 -6.54 -8.56
CA ILE A 32 5.05 -7.86 -8.54
C ILE A 32 5.34 -8.35 -9.95
N VAL A 33 4.48 -8.02 -10.91
CA VAL A 33 4.71 -8.44 -12.28
C VAL A 33 5.96 -7.76 -12.83
N GLN A 34 6.14 -6.48 -12.52
CA GLN A 34 7.31 -5.74 -12.98
C GLN A 34 8.56 -6.34 -12.35
N THR A 35 8.47 -6.69 -11.07
CA THR A 35 9.59 -7.26 -10.32
C THR A 35 9.97 -8.66 -10.82
N VAL A 36 8.98 -9.54 -10.92
CA VAL A 36 9.25 -10.88 -11.37
C VAL A 36 9.88 -10.83 -12.76
N GLY A 37 9.29 -10.03 -13.64
CA GLY A 37 9.81 -9.91 -14.99
C GLY A 37 11.27 -9.52 -15.00
N GLU A 38 11.65 -8.58 -14.15
CA GLU A 38 13.03 -8.15 -14.07
C GLU A 38 13.95 -9.23 -13.58
N ILE A 39 13.46 -10.04 -12.65
CA ILE A 39 14.28 -11.13 -12.15
C ILE A 39 14.37 -12.19 -13.23
N ALA A 40 13.26 -12.42 -13.93
CA ALA A 40 13.22 -13.41 -15.01
C ALA A 40 14.27 -13.11 -16.06
N GLU A 41 14.43 -11.84 -16.36
CA GLU A 41 15.40 -11.43 -17.35
C GLU A 41 16.81 -11.92 -17.05
N VAL A 42 17.27 -11.76 -15.81
CA VAL A 42 18.62 -12.20 -15.46
C VAL A 42 18.71 -13.72 -15.34
N VAL A 43 17.59 -14.37 -15.11
CA VAL A 43 17.60 -15.82 -15.03
C VAL A 43 17.81 -16.34 -16.44
N LYS A 44 17.06 -15.78 -17.39
CA LYS A 44 17.17 -16.18 -18.79
C LYS A 44 18.57 -15.89 -19.33
N GLY A 46 20.94 -16.69 -17.70
CA GLY A 46 21.69 -17.77 -17.08
C GLY A 46 22.08 -17.60 -15.63
N VAL A 47 21.59 -16.55 -14.97
CA VAL A 47 21.91 -16.33 -13.55
C VAL A 47 21.07 -17.24 -12.67
N GLN A 48 21.70 -17.82 -11.66
CA GLN A 48 20.98 -18.68 -10.73
C GLN A 48 20.53 -17.75 -9.61
N VAL A 49 19.23 -17.66 -9.40
CA VAL A 49 18.72 -16.77 -8.38
C VAL A 49 18.03 -17.39 -7.17
N GLY A 50 18.47 -16.94 -5.99
CA GLY A 50 17.87 -17.39 -4.75
C GLY A 50 17.18 -16.16 -4.17
N ILE A 51 15.95 -16.32 -3.71
CA ILE A 51 15.22 -15.19 -3.14
C ILE A 51 14.75 -15.45 -1.72
N VAL A 52 15.01 -14.49 -0.84
CA VAL A 52 14.56 -14.54 0.54
C VAL A 52 13.62 -13.35 0.57
N VAL A 53 12.35 -13.57 0.85
CA VAL A 53 11.39 -12.47 0.84
C VAL A 53 10.74 -12.19 2.20
N GLY A 54 10.53 -10.91 2.49
CA GLY A 54 9.93 -10.50 3.74
C GLY A 54 8.41 -10.46 3.73
N GLY A 55 7.82 -10.01 4.84
CA GLY A 55 6.38 -9.95 4.92
C GLY A 55 5.81 -8.66 5.48
N GLY A 56 6.57 -7.58 5.40
CA GLY A 56 6.10 -6.31 5.93
C GLY A 56 4.85 -5.80 5.26
N ASN A 57 4.74 -6.00 3.95
CA ASN A 57 3.58 -5.53 3.20
C ASN A 57 2.28 -6.16 3.69
N ILE A 58 2.35 -7.39 4.21
CA ILE A 58 1.16 -8.07 4.71
C ILE A 58 1.05 -8.01 6.22
N PHE A 59 2.18 -7.87 6.90
CA PHE A 59 2.20 -7.77 8.35
C PHE A 59 1.43 -6.51 8.79
N ARG A 60 1.54 -5.45 7.99
CA ARG A 60 0.87 -4.18 8.27
C ARG A 60 -0.57 -4.37 8.74
N GLY A 61 -1.30 -5.25 8.06
CA GLY A 61 -2.68 -5.49 8.41
C GLY A 61 -2.87 -6.10 9.79
N VAL A 62 -1.78 -6.55 10.38
CA VAL A 62 -1.87 -7.16 11.68
C VAL A 62 -0.87 -6.53 12.62
N SER A 63 -0.19 -5.49 12.14
CA SER A 63 0.81 -4.78 12.93
C SER A 63 0.21 -4.29 14.24
N ALA A 64 -0.90 -3.56 14.14
CA ALA A 64 -1.59 -2.99 15.29
C ALA A 64 -1.80 -4.01 16.41
N GLN A 65 -2.42 -5.14 16.09
CA GLN A 65 -2.66 -6.15 17.12
C GLN A 65 -1.37 -6.72 17.67
N ALA A 66 -0.35 -6.81 16.81
CA ALA A 66 0.96 -7.35 17.21
C ALA A 66 1.45 -6.63 18.46
N GLY A 67 1.25 -5.31 18.47
CA GLY A 67 1.67 -4.47 19.58
C GLY A 67 1.38 -5.08 20.94
N SER A 68 0.17 -5.61 21.11
CA SER A 68 -0.21 -6.21 22.38
C SER A 68 -0.06 -7.74 22.35
N ASP A 70 2.79 -11.25 22.17
CA ASP A 70 4.13 -11.70 22.52
C ASP A 70 4.96 -11.59 21.23
N ARG A 71 6.07 -10.88 21.30
CA ARG A 71 6.92 -10.67 20.13
C ARG A 71 7.14 -11.92 19.28
N ALA A 72 7.52 -13.02 19.91
CA ALA A 72 7.74 -14.25 19.18
C ALA A 72 6.52 -14.57 18.32
N THR A 73 5.35 -14.47 18.92
CA THR A 73 4.13 -14.77 18.19
C THR A 73 3.95 -13.78 17.04
N ALA A 74 4.27 -12.51 17.31
CA ALA A 74 4.14 -11.51 16.27
C ALA A 74 5.07 -11.87 15.11
N ASP A 75 6.25 -12.36 15.44
CA ASP A 75 7.22 -12.76 14.43
C ASP A 75 6.76 -13.98 13.65
N TYR A 76 6.04 -14.88 14.31
CA TYR A 76 5.57 -16.05 13.59
C TYR A 76 4.57 -15.62 12.56
N GLY A 78 4.72 -12.88 11.02
CA GLY A 78 5.52 -12.28 9.97
C GLY A 78 5.99 -13.37 9.03
N ALA A 81 3.47 -14.43 6.80
CA ALA A 81 3.30 -13.44 5.77
C ALA A 81 4.31 -13.67 4.64
N THR A 82 5.57 -13.99 4.95
CA THR A 82 6.55 -14.22 3.87
C THR A 82 6.10 -15.38 2.96
N VAL A 83 5.55 -16.42 3.57
CA VAL A 83 5.09 -17.56 2.80
C VAL A 83 4.05 -17.10 1.78
N ASN A 85 3.88 -14.17 0.32
CA ASN A 85 4.61 -13.50 -0.76
C ASN A 85 5.40 -14.54 -1.54
N ALA A 86 5.93 -15.54 -0.85
CA ALA A 86 6.68 -16.57 -1.53
C ALA A 86 5.77 -17.25 -2.57
N LEU A 87 4.57 -17.62 -2.13
CA LEU A 87 3.63 -18.28 -3.02
C LEU A 87 3.29 -17.45 -4.24
N ALA A 88 2.83 -16.24 -4.01
CA ALA A 88 2.45 -15.35 -5.10
C ALA A 88 3.63 -15.11 -6.01
N LEU A 89 4.81 -15.01 -5.42
CA LEU A 89 6.02 -14.77 -6.18
C LEU A 89 6.25 -15.93 -7.14
N LYS A 90 6.07 -17.15 -6.66
CA LYS A 90 6.28 -18.34 -7.49
C LYS A 90 5.25 -18.38 -8.61
N ASP A 91 3.99 -18.15 -8.27
CA ASP A 91 2.93 -18.16 -9.24
C ASP A 91 3.28 -17.23 -10.40
N ALA A 92 3.78 -16.05 -10.06
CA ALA A 92 4.16 -15.06 -11.06
C ALA A 92 5.27 -15.56 -11.99
N PHE A 93 6.20 -16.36 -11.48
CA PHE A 93 7.26 -16.86 -12.32
C PHE A 93 6.72 -17.90 -13.29
N GLU A 94 5.88 -18.78 -12.77
CA GLU A 94 5.30 -19.84 -13.61
C GLU A 94 4.56 -19.22 -14.79
N THR A 95 3.94 -18.06 -14.56
CA THR A 95 3.23 -17.34 -15.61
C THR A 95 4.21 -16.88 -16.70
N LEU A 96 5.45 -16.61 -16.31
CA LEU A 96 6.46 -16.15 -17.26
C LEU A 96 7.21 -17.31 -17.86
N GLY A 97 6.81 -18.53 -17.51
CA GLY A 97 7.49 -19.71 -18.02
C GLY A 97 8.74 -20.11 -17.26
N ILE A 98 8.98 -19.51 -16.09
CA ILE A 98 10.15 -19.84 -15.26
C ILE A 98 9.72 -20.69 -14.06
N LYS A 99 10.30 -21.88 -13.93
CA LYS A 99 9.94 -22.75 -12.81
C LYS A 99 10.57 -22.27 -11.51
N ALA A 100 9.78 -22.27 -10.45
CA ALA A 100 10.28 -21.82 -9.14
C ALA A 100 9.81 -22.70 -8.01
N ARG A 101 10.66 -22.86 -7.00
CA ARG A 101 10.36 -23.70 -5.84
C ARG A 101 10.45 -22.90 -4.55
N VAL A 102 9.50 -23.12 -3.65
CA VAL A 102 9.47 -22.43 -2.38
C VAL A 102 9.95 -23.32 -1.24
N GLN A 103 11.06 -22.97 -0.62
CA GLN A 103 11.56 -23.74 0.49
C GLN A 103 11.34 -22.97 1.77
N SER A 104 10.64 -23.57 2.72
CA SER A 104 10.35 -22.91 3.98
C SER A 104 11.31 -23.33 5.08
N ALA A 105 11.65 -22.41 5.97
CA ALA A 105 12.57 -22.73 7.05
C ALA A 105 11.82 -23.58 8.08
N LEU A 106 10.50 -23.42 8.10
CA LEU A 106 9.65 -24.21 8.98
C LEU A 106 8.92 -25.16 8.05
N SER A 107 8.91 -26.45 8.41
CA SER A 107 8.26 -27.45 7.56
C SER A 107 6.76 -27.22 7.39
N GLN A 109 3.34 -28.85 5.11
CA GLN A 109 2.81 -29.95 4.31
C GLN A 109 2.64 -29.81 2.81
N GLN A 110 1.64 -29.06 2.38
CA GLN A 110 1.43 -28.94 0.94
C GLN A 110 1.73 -27.57 0.37
N ILE A 111 1.78 -26.54 1.22
CA ILE A 111 2.05 -25.20 0.75
C ILE A 111 3.47 -25.10 0.21
N ALA A 112 4.43 -25.66 0.94
CA ALA A 112 5.81 -25.60 0.50
C ALA A 112 6.75 -26.68 1.03
N GLU A 113 7.80 -26.90 0.26
CA GLU A 113 8.84 -27.86 0.55
C GLU A 113 9.65 -27.37 1.75
N THR A 114 10.15 -28.27 2.57
CA THR A 114 10.97 -27.86 3.70
C THR A 114 12.37 -27.54 3.21
N TYR A 115 13.04 -26.57 3.83
CA TYR A 115 14.37 -26.20 3.41
C TYR A 115 15.32 -27.36 3.50
N ALA A 116 16.10 -27.56 2.45
CA ALA A 116 17.08 -28.64 2.41
C ALA A 116 18.16 -28.24 1.41
N ARG A 117 19.35 -27.95 1.93
CA ARG A 117 20.50 -27.51 1.14
C ARG A 117 20.80 -28.25 -0.15
N PRO A 118 20.86 -29.58 -0.10
CA PRO A 118 21.16 -30.31 -1.34
C PRO A 118 20.15 -30.09 -2.45
N LYS A 119 18.85 -30.08 -2.10
CA LYS A 119 17.79 -29.90 -3.08
C LYS A 119 17.79 -28.50 -3.67
N ALA A 120 17.90 -27.50 -2.80
CA ALA A 120 17.90 -26.11 -3.25
C ALA A 120 19.07 -25.87 -4.23
N ILE A 121 20.27 -26.30 -3.85
CA ILE A 121 21.42 -26.14 -4.75
C ILE A 121 21.05 -26.73 -6.11
N GLN A 122 20.54 -27.95 -6.07
CA GLN A 122 20.15 -28.64 -7.27
C GLN A 122 19.18 -27.77 -8.08
N TYR A 123 18.11 -27.31 -7.44
CA TYR A 123 17.12 -26.46 -8.10
C TYR A 123 17.77 -25.30 -8.84
N LEU A 124 18.72 -24.64 -8.20
CA LEU A 124 19.40 -23.53 -8.83
C LEU A 124 20.05 -24.04 -10.11
N GLU A 125 20.83 -25.11 -9.98
CA GLU A 125 21.51 -25.72 -11.11
C GLU A 125 20.52 -26.09 -12.21
N GLU A 126 19.38 -26.64 -11.84
CA GLU A 126 18.36 -27.03 -12.80
C GLU A 126 17.72 -25.80 -13.46
N GLY A 127 18.24 -24.61 -13.12
CA GLY A 127 17.72 -23.37 -13.69
C GLY A 127 16.46 -22.78 -13.06
N LYS A 128 16.05 -23.31 -11.92
CA LYS A 128 14.84 -22.81 -11.29
C LYS A 128 15.18 -21.72 -10.28
N VAL A 129 14.21 -20.84 -10.01
CA VAL A 129 14.37 -19.78 -9.02
C VAL A 129 13.93 -20.42 -7.70
N VAL A 130 14.76 -20.31 -6.66
CA VAL A 130 14.40 -20.86 -5.37
C VAL A 130 14.00 -19.71 -4.45
N ILE A 131 12.80 -19.78 -3.89
CA ILE A 131 12.31 -18.72 -3.01
C ILE A 131 12.25 -19.23 -1.58
N PHE A 132 13.04 -18.62 -0.70
CA PHE A 132 13.10 -19.03 0.69
C PHE A 132 12.10 -18.27 1.53
N ALA A 133 11.24 -19.01 2.20
CA ALA A 133 10.22 -18.41 3.04
C ALA A 133 10.44 -18.73 4.51
N ALA A 134 9.78 -17.94 5.35
CA ALA A 134 9.81 -18.06 6.80
C ALA A 134 11.14 -17.70 7.48
N GLY A 135 11.91 -16.84 6.83
CA GLY A 135 13.17 -16.38 7.39
C GLY A 135 14.13 -17.46 7.80
N THR A 136 14.54 -17.44 9.07
CA THR A 136 15.48 -18.42 9.60
C THR A 136 14.70 -19.48 10.37
N GLY A 137 13.40 -19.24 10.52
CA GLY A 137 12.57 -20.18 11.25
C GLY A 137 12.41 -19.79 12.70
N ASN A 138 13.24 -18.84 13.15
CA ASN A 138 13.18 -18.39 14.53
C ASN A 138 12.73 -16.96 14.68
N PRO A 139 12.11 -16.64 15.83
CA PRO A 139 11.69 -15.25 16.01
C PRO A 139 12.93 -14.45 16.38
N PHE A 140 12.77 -13.14 16.48
CA PHE A 140 13.87 -12.25 16.87
C PHE A 140 14.99 -12.11 15.85
N PHE A 141 14.81 -12.64 14.64
CA PHE A 141 15.84 -12.52 13.60
C PHE A 141 15.22 -11.81 12.41
N THR A 142 15.98 -10.92 11.78
CA THR A 142 15.46 -10.17 10.64
C THR A 142 15.54 -10.95 9.33
N THR A 143 14.91 -10.40 8.30
CA THR A 143 14.89 -10.99 6.99
C THR A 143 16.31 -10.91 6.44
N ASP A 144 16.96 -9.77 6.68
CA ASP A 144 18.32 -9.56 6.24
C ASP A 144 19.18 -10.70 6.77
N THR A 145 18.95 -11.08 8.02
CA THR A 145 19.72 -12.18 8.59
C THR A 145 19.46 -13.46 7.81
N ALA A 146 18.19 -13.75 7.54
CA ALA A 146 17.83 -14.94 6.78
C ALA A 146 18.48 -14.89 5.39
N ALA A 147 18.62 -13.69 4.82
CA ALA A 147 19.24 -13.54 3.51
C ALA A 147 20.73 -13.92 3.56
N ALA A 148 21.43 -13.48 4.61
CA ALA A 148 22.85 -13.81 4.77
C ALA A 148 23.01 -15.32 4.95
N LEU A 149 22.18 -15.92 5.81
CA LEU A 149 22.20 -17.36 6.07
C LEU A 149 22.02 -18.17 4.80
N ARG A 150 20.91 -17.96 4.10
CA ARG A 150 20.67 -18.70 2.87
C ARG A 150 21.76 -18.40 1.85
N GLY A 151 22.21 -17.15 1.82
CA GLY A 151 23.26 -16.76 0.88
C GLY A 151 24.53 -17.58 1.09
N ALA A 152 24.99 -17.64 2.34
CA ALA A 152 26.19 -18.40 2.69
C ALA A 152 25.95 -19.89 2.44
N GLU A 153 24.76 -20.37 2.77
CA GLU A 153 24.43 -21.78 2.57
C GLU A 153 24.41 -22.16 1.10
N ASN A 155 26.09 -20.80 -1.14
CA ASN A 155 27.38 -20.46 -1.72
C ASN A 155 27.19 -19.46 -2.85
N CYS A 156 26.36 -18.44 -2.62
CA CYS A 156 26.13 -17.42 -3.62
C CYS A 156 27.34 -16.52 -3.73
N ASP A 157 27.52 -15.91 -4.90
CA ASP A 157 28.66 -15.02 -5.12
C ASP A 157 28.50 -13.68 -4.42
N VAL A 158 27.26 -13.26 -4.22
CA VAL A 158 26.99 -11.98 -3.56
C VAL A 158 25.55 -11.98 -3.15
N LEU A 160 22.24 -9.67 -3.04
CA LEU A 160 21.65 -8.44 -3.58
C LEU A 160 20.52 -7.95 -2.67
N LYS A 161 20.84 -6.96 -1.84
CA LYS A 161 19.91 -6.36 -0.91
C LYS A 161 19.11 -5.29 -1.64
N ALA A 162 17.89 -5.61 -2.01
CA ALA A 162 17.05 -4.66 -2.73
C ALA A 162 16.35 -3.76 -1.72
N THR A 163 16.35 -2.46 -1.98
CA THR A 163 15.73 -1.53 -1.06
C THR A 163 15.06 -0.35 -1.79
N ASN A 164 14.42 0.52 -1.03
CA ASN A 164 13.71 1.67 -1.58
C ASN A 164 14.64 2.84 -1.92
N VAL A 165 15.95 2.61 -1.80
CA VAL A 165 16.94 3.63 -2.14
C VAL A 165 17.88 2.93 -3.11
N ASP A 166 18.39 3.65 -4.10
CA ASP A 166 19.23 3.01 -5.10
C ASP A 166 20.67 2.72 -4.67
N GLY A 167 20.92 2.73 -3.37
CA GLY A 167 22.26 2.45 -2.88
C GLY A 167 22.52 2.95 -1.48
N VAL A 168 23.79 3.09 -1.11
CA VAL A 168 24.16 3.57 0.21
C VAL A 168 24.62 5.03 0.13
N TYR A 169 23.91 5.91 0.83
CA TYR A 169 24.24 7.33 0.82
C TYR A 169 24.96 7.84 2.06
N THR A 170 25.65 8.96 1.92
CA THR A 170 26.38 9.57 3.02
C THR A 170 25.40 9.93 4.15
N ALA A 171 24.12 9.99 3.80
CA ALA A 171 23.07 10.30 4.77
C ALA A 171 21.73 10.09 4.05
N ASP A 172 20.64 10.01 4.82
CA ASP A 172 19.31 9.80 4.24
C ASP A 172 19.02 10.76 3.10
N PRO A 173 19.11 10.27 1.85
CA PRO A 173 18.85 11.10 0.68
C PRO A 173 17.43 11.65 0.58
N LYS A 174 16.43 10.80 0.84
CA LYS A 174 15.03 11.22 0.78
C LYS A 174 14.73 12.44 1.65
N LYS A 175 15.62 12.73 2.59
CA LYS A 175 15.45 13.87 3.48
C LYS A 175 16.70 14.77 3.57
N ASP A 176 17.61 14.57 2.63
CA ASP A 176 18.84 15.35 2.54
C ASP A 176 19.30 15.26 1.08
N PRO A 177 18.85 16.19 0.24
CA PRO A 177 19.18 16.27 -1.19
C PRO A 177 20.67 16.29 -1.54
N SER A 178 21.51 16.68 -0.58
CA SER A 178 22.95 16.76 -0.81
C SER A 178 23.70 15.46 -0.50
N ALA A 179 22.95 14.38 -0.29
CA ALA A 179 23.56 13.09 0.02
C ALA A 179 24.13 12.46 -1.26
N THR A 180 25.29 11.81 -1.11
CA THR A 180 25.95 11.18 -2.23
C THR A 180 25.96 9.66 -2.08
N ARG A 181 25.95 8.96 -3.21
CA ARG A 181 25.95 7.50 -3.21
C ARG A 181 27.35 6.92 -3.30
N TYR A 182 27.70 6.08 -2.33
CA TYR A 182 29.01 5.42 -2.33
C TYR A 182 29.03 4.38 -3.44
N GLU A 183 30.13 4.28 -4.16
CA GLU A 183 30.22 3.30 -5.23
C GLU A 183 30.77 1.99 -4.69
N THR A 184 31.57 2.10 -3.64
CA THR A 184 32.17 0.94 -3.01
C THR A 184 32.63 1.29 -1.60
N ILE A 185 32.37 0.39 -0.66
CA ILE A 185 32.79 0.62 0.72
C ILE A 185 33.09 -0.69 1.40
N THR A 186 33.87 -0.60 2.48
CA THR A 186 34.24 -1.78 3.25
C THR A 186 33.33 -1.94 4.45
N PHE A 187 33.33 -3.14 5.01
CA PHE A 187 32.52 -3.42 6.18
C PHE A 187 32.89 -2.49 7.30
N ASP A 188 34.19 -2.34 7.55
CA ASP A 188 34.65 -1.48 8.63
C ASP A 188 34.29 -0.03 8.34
N GLU A 189 34.44 0.35 7.07
CA GLU A 189 34.12 1.71 6.68
C GLU A 189 32.65 1.99 6.95
N ALA A 190 31.79 1.07 6.50
CA ALA A 190 30.36 1.22 6.70
C ALA A 190 30.05 1.46 8.19
N LEU A 191 30.74 0.70 9.04
CA LEU A 191 30.59 0.78 10.50
C LEU A 191 31.16 2.07 11.07
N LEU A 192 32.42 2.32 10.78
CA LEU A 192 33.09 3.53 11.25
C LEU A 192 32.25 4.74 10.91
N LYS A 193 31.68 4.73 9.70
CA LYS A 193 30.86 5.84 9.24
C LYS A 193 29.40 5.77 9.65
N ASN A 194 29.05 4.75 10.42
CA ASN A 194 27.66 4.60 10.87
C ASN A 194 26.70 4.63 9.68
N LEU A 195 27.09 3.98 8.59
CA LEU A 195 26.25 3.93 7.41
C LEU A 195 25.21 2.84 7.63
N LYS A 196 24.01 3.05 7.10
CA LYS A 196 22.97 2.04 7.26
C LYS A 196 22.98 1.08 6.08
N VAL A 197 23.37 -0.16 6.35
CA VAL A 197 23.41 -1.20 5.30
C VAL A 197 22.39 -2.27 5.68
N ASP A 199 21.01 -4.66 9.65
CA ASP A 199 21.19 -4.80 11.08
C ASP A 199 22.50 -5.51 11.41
N ALA A 200 23.03 -5.21 12.59
CA ALA A 200 24.28 -5.77 13.07
C ALA A 200 24.45 -7.27 12.87
N THR A 201 23.47 -8.04 13.34
CA THR A 201 23.54 -9.48 13.22
C THR A 201 23.72 -9.95 11.79
N ALA A 202 22.90 -9.43 10.90
CA ALA A 202 22.98 -9.82 9.49
C ALA A 202 24.31 -9.39 8.92
N PHE A 203 24.75 -8.19 9.29
CA PHE A 203 25.99 -7.64 8.79
C PHE A 203 27.18 -8.49 9.18
N ALA A 204 27.20 -8.92 10.45
CA ALA A 204 28.25 -9.77 10.98
C ALA A 204 28.31 -11.09 10.24
N LEU A 205 27.13 -11.66 10.00
CA LEU A 205 27.03 -12.93 9.29
C LEU A 205 27.63 -12.83 7.89
N CYS A 206 27.36 -11.74 7.19
CA CYS A 206 27.89 -11.56 5.85
C CYS A 206 29.41 -11.45 5.89
N ARG A 207 29.92 -10.77 6.90
CA ARG A 207 31.36 -10.63 7.03
C ARG A 207 31.95 -12.01 7.34
N GLU A 208 31.57 -12.57 8.48
CA GLU A 208 32.07 -13.88 8.91
C GLU A 208 32.03 -14.95 7.81
N ARG A 209 31.08 -14.83 6.89
CA ARG A 209 30.96 -15.80 5.82
C ARG A 209 31.56 -15.29 4.51
N LYS A 210 32.14 -14.10 4.56
CA LYS A 210 32.75 -13.47 3.38
C LYS A 210 31.75 -13.37 2.24
N LEU A 211 30.54 -12.94 2.56
CA LEU A 211 29.50 -12.77 1.55
C LEU A 211 29.37 -11.28 1.27
N ASN A 212 29.83 -10.85 0.11
CA ASN A 212 29.73 -9.43 -0.23
C ASN A 212 28.28 -9.04 -0.45
N ILE A 213 28.03 -7.74 -0.34
CA ILE A 213 26.68 -7.20 -0.47
C ILE A 213 26.58 -6.05 -1.47
N VAL A 214 25.53 -6.06 -2.28
CA VAL A 214 25.28 -4.96 -3.20
C VAL A 214 23.91 -4.40 -2.84
N VAL A 215 23.88 -3.15 -2.40
CA VAL A 215 22.64 -2.49 -2.04
C VAL A 215 22.14 -1.74 -3.28
N PHE A 216 20.87 -1.94 -3.64
CA PHE A 216 20.32 -1.26 -4.80
C PHE A 216 18.81 -1.13 -4.70
N GLY A 217 18.23 -0.33 -5.59
CA GLY A 217 16.79 -0.10 -5.60
C GLY A 217 16.16 -0.88 -6.73
N ILE A 218 15.51 -1.99 -6.39
CA ILE A 218 14.88 -2.85 -7.37
C ILE A 218 13.82 -2.15 -8.23
N ALA A 219 13.01 -1.29 -7.60
CA ALA A 219 11.95 -0.58 -8.32
C ALA A 219 12.47 0.34 -9.43
N LYS A 220 13.75 0.68 -9.38
CA LYS A 220 14.36 1.52 -10.39
C LYS A 220 14.60 0.63 -11.61
N GLU A 221 13.61 0.55 -12.49
CA GLU A 221 13.68 -0.28 -13.67
C GLU A 221 15.05 -0.42 -14.33
N GLY A 222 15.48 -1.67 -14.51
CA GLY A 222 16.74 -1.94 -15.19
C GLY A 222 18.00 -2.05 -14.35
N SER A 223 17.93 -1.71 -13.07
CA SER A 223 19.11 -1.78 -12.25
C SER A 223 19.53 -3.19 -11.82
N LEU A 224 18.58 -4.11 -11.74
CA LEU A 224 18.92 -5.48 -11.35
C LEU A 224 19.84 -6.06 -12.41
N LYS A 225 19.49 -5.83 -13.67
CA LYS A 225 20.30 -6.32 -14.79
C LYS A 225 21.65 -5.62 -14.80
N ARG A 226 21.64 -4.31 -14.56
CA ARG A 226 22.87 -3.54 -14.54
C ARG A 226 23.87 -4.06 -13.50
N VAL A 227 23.37 -4.36 -12.30
CA VAL A 227 24.22 -4.87 -11.23
C VAL A 227 24.75 -6.24 -11.62
N ILE A 228 23.86 -7.08 -12.15
CA ILE A 228 24.24 -8.43 -12.55
C ILE A 228 25.29 -8.41 -13.65
N THR A 229 25.26 -7.37 -14.48
CA THR A 229 26.19 -7.26 -15.60
C THR A 229 27.48 -6.51 -15.30
N GLY A 230 27.53 -5.83 -14.15
CA GLY A 230 28.73 -5.11 -13.78
C GLY A 230 28.70 -3.62 -14.00
N GLU A 231 27.59 -3.08 -14.45
CA GLU A 231 27.50 -1.63 -14.67
C GLU A 231 27.54 -0.89 -13.34
N ASP A 232 27.63 0.43 -13.39
CA ASP A 232 27.66 1.22 -12.16
C ASP A 232 26.23 1.36 -11.65
N GLU A 233 25.93 0.68 -10.54
CA GLU A 233 24.59 0.72 -9.97
C GLU A 233 24.64 0.21 -8.54
N GLY A 234 24.02 0.97 -7.63
CA GLY A 234 24.01 0.59 -6.24
C GLY A 234 25.38 0.67 -5.57
N THR A 235 25.43 0.29 -4.29
CA THR A 235 26.66 0.33 -3.52
C THR A 235 27.17 -1.08 -3.24
N LEU A 236 28.46 -1.30 -3.48
CA LEU A 236 29.07 -2.61 -3.22
C LEU A 236 29.77 -2.59 -1.87
N VAL A 237 29.33 -3.46 -0.96
CA VAL A 237 29.94 -3.55 0.36
C VAL A 237 30.68 -4.87 0.43
N HIS A 238 32.00 -4.83 0.56
CA HIS A 238 32.81 -6.05 0.62
C HIS A 238 33.77 -6.10 1.79
N CYS A 239 34.25 -7.30 2.08
CA CYS A 239 35.19 -7.52 3.18
C CYS A 239 36.54 -7.90 2.60
N GLN B 4 -2.60 31.68 10.93
CA GLN B 4 -3.21 30.55 10.14
C GLN B 4 -2.87 30.68 8.64
N ILE B 5 -2.20 31.76 8.28
CA ILE B 5 -1.81 32.00 6.89
C ILE B 5 -0.29 32.16 6.83
N LYS B 6 0.40 31.18 6.27
CA LYS B 6 1.86 31.23 6.18
C LYS B 6 2.38 32.19 5.11
N TYR B 7 1.61 32.33 4.01
CA TYR B 7 1.98 33.21 2.92
C TYR B 7 0.94 34.29 2.73
N LYS B 8 1.31 35.54 2.97
CA LYS B 8 0.38 36.66 2.83
C LYS B 8 0.09 37.01 1.37
N ARG B 9 1.14 37.07 0.55
CA ARG B 9 0.99 37.39 -0.86
C ARG B 9 1.64 36.27 -1.67
N VAL B 10 0.91 35.78 -2.66
CA VAL B 10 1.42 34.68 -3.48
C VAL B 10 1.20 34.90 -4.96
N LEU B 11 2.09 34.34 -5.77
CA LEU B 11 1.88 34.43 -7.19
C LEU B 11 1.62 33.00 -7.65
N LEU B 12 0.36 32.73 -7.95
CA LEU B 12 -0.07 31.42 -8.38
C LEU B 12 0.13 31.27 -9.87
N LYS B 13 0.88 30.25 -10.27
CA LYS B 13 1.13 29.99 -11.68
C LYS B 13 0.21 28.84 -12.11
N LEU B 14 -0.73 29.14 -13.00
CA LEU B 14 -1.66 28.12 -13.49
C LEU B 14 -1.39 27.90 -14.96
N SER B 15 -1.17 26.65 -15.35
CA SER B 15 -0.95 26.37 -16.75
C SER B 15 -2.34 26.42 -17.37
N GLY B 16 -2.41 26.59 -18.69
CA GLY B 16 -3.71 26.62 -19.32
C GLY B 16 -4.37 25.26 -19.18
N GLU B 17 -3.56 24.21 -19.26
CA GLU B 17 -4.04 22.83 -19.16
C GLU B 17 -4.76 22.51 -17.86
N SER B 18 -4.46 23.25 -16.80
CA SER B 18 -5.11 23.00 -15.52
C SER B 18 -6.57 23.41 -15.56
N LEU B 19 -6.93 24.25 -16.52
CA LEU B 19 -8.31 24.70 -16.63
C LEU B 19 -9.07 23.78 -17.57
N GLY B 21 -9.29 20.27 -17.39
CA GLY B 21 -9.90 19.08 -16.87
C GLY B 21 -9.54 17.92 -17.78
N SER B 22 -10.44 16.94 -17.91
CA SER B 22 -10.16 15.80 -18.76
C SER B 22 -10.57 16.01 -20.21
N ASP B 23 -10.99 17.23 -20.55
CA ASP B 23 -11.37 17.49 -21.94
C ASP B 23 -10.13 17.50 -22.82
N PRO B 24 -10.31 17.42 -24.15
CA PRO B 24 -9.22 17.42 -25.13
C PRO B 24 -8.58 18.80 -25.28
N PHE B 25 -9.41 19.83 -25.19
CA PHE B 25 -8.95 21.20 -25.34
C PHE B 25 -9.96 22.17 -24.73
N GLY B 26 -9.57 23.45 -24.71
CA GLY B 26 -10.44 24.48 -24.19
C GLY B 26 -10.51 24.61 -22.69
N ILE B 27 -11.62 25.16 -22.22
CA ILE B 27 -11.84 25.36 -20.79
C ILE B 27 -13.01 24.48 -20.35
N ASN B 28 -12.81 23.69 -19.30
CA ASN B 28 -13.87 22.84 -18.79
C ASN B 28 -14.57 23.61 -17.68
N HIS B 29 -15.87 23.86 -17.87
CA HIS B 29 -16.67 24.61 -16.91
C HIS B 29 -16.55 24.17 -15.45
N ASP B 30 -16.63 22.88 -15.19
CA ASP B 30 -16.53 22.42 -13.82
C ASP B 30 -15.15 22.67 -13.23
N THR B 31 -14.12 22.38 -14.01
CA THR B 31 -12.75 22.55 -13.55
C THR B 31 -12.39 24.00 -13.18
N ILE B 32 -12.74 24.96 -14.04
CA ILE B 32 -12.40 26.33 -13.74
C ILE B 32 -13.13 26.81 -12.50
N VAL B 33 -14.36 26.34 -12.33
CA VAL B 33 -15.18 26.70 -11.17
C VAL B 33 -14.56 26.11 -9.90
N GLN B 34 -14.12 24.86 -9.98
CA GLN B 34 -13.49 24.19 -8.85
C GLN B 34 -12.21 24.94 -8.49
N THR B 35 -11.44 25.30 -9.50
CA THR B 35 -10.19 26.01 -9.30
C THR B 35 -10.41 27.42 -8.75
N VAL B 36 -11.27 28.19 -9.42
CA VAL B 36 -11.51 29.54 -8.95
C VAL B 36 -12.09 29.50 -7.54
N GLY B 37 -12.99 28.55 -7.32
CA GLY B 37 -13.59 28.41 -6.01
C GLY B 37 -12.56 28.22 -4.91
N GLU B 38 -11.56 27.38 -5.17
CA GLU B 38 -10.53 27.13 -4.18
C GLU B 38 -9.64 28.32 -3.92
N ILE B 39 -9.21 29.00 -4.98
CA ILE B 39 -8.37 30.19 -4.82
C ILE B 39 -9.24 31.21 -4.08
N ALA B 40 -10.50 31.30 -4.47
CA ALA B 40 -11.44 32.23 -3.84
C ALA B 40 -11.45 32.01 -2.34
N GLU B 41 -11.24 30.75 -1.95
CA GLU B 41 -11.24 30.41 -0.54
C GLU B 41 -10.10 31.08 0.22
N VAL B 42 -8.90 31.04 -0.34
CA VAL B 42 -7.75 31.65 0.31
C VAL B 42 -7.76 33.18 0.24
N VAL B 43 -8.47 33.74 -0.75
CA VAL B 43 -8.53 35.19 -0.87
C VAL B 43 -9.29 35.73 0.34
N LYS B 44 -10.39 35.04 0.66
CA LYS B 44 -11.25 35.40 1.79
C LYS B 44 -10.53 35.27 3.12
N GLY B 46 -7.58 36.32 3.52
CA GLY B 46 -6.62 37.42 3.59
C GLY B 46 -5.38 37.29 2.73
N VAL B 47 -5.31 36.26 1.89
CA VAL B 47 -4.17 36.05 1.01
C VAL B 47 -4.30 36.90 -0.26
N GLN B 48 -3.29 37.72 -0.55
CA GLN B 48 -3.31 38.55 -1.74
C GLN B 48 -2.80 37.63 -2.83
N VAL B 49 -3.62 37.39 -3.85
CA VAL B 49 -3.28 36.48 -4.91
C VAL B 49 -3.14 37.04 -6.32
N GLY B 50 -1.95 36.84 -6.88
CA GLY B 50 -1.66 37.26 -8.24
C GLY B 50 -1.54 35.98 -9.05
N ILE B 51 -2.12 35.97 -10.25
CA ILE B 51 -2.05 34.78 -11.08
C ILE B 51 -1.39 35.03 -12.44
N VAL B 52 -0.59 34.06 -12.86
CA VAL B 52 0.04 34.10 -14.17
C VAL B 52 -0.56 32.82 -14.75
N VAL B 53 -1.26 32.94 -15.87
CA VAL B 53 -1.89 31.77 -16.46
C VAL B 53 -1.35 31.48 -17.85
N GLY B 54 -1.20 30.19 -18.16
CA GLY B 54 -0.68 29.77 -19.45
C GLY B 54 -1.75 29.66 -20.50
N GLY B 55 -1.41 29.13 -21.67
CA GLY B 55 -2.39 29.00 -22.74
C GLY B 55 -2.45 27.65 -23.44
N GLY B 56 -1.74 26.64 -22.91
CA GLY B 56 -1.75 25.33 -23.52
C GLY B 56 -3.11 24.76 -23.89
N ASN B 57 -4.09 24.92 -23.01
CA ASN B 57 -5.42 24.38 -23.26
C ASN B 57 -6.03 24.92 -24.54
N ILE B 58 -5.74 26.16 -24.88
CA ILE B 58 -6.30 26.71 -26.10
C ILE B 58 -5.32 26.60 -27.27
N PHE B 59 -4.03 26.65 -26.97
CA PHE B 59 -3.03 26.56 -28.02
C PHE B 59 -3.04 25.21 -28.74
N ARG B 60 -3.77 24.25 -28.20
CA ARG B 60 -3.86 22.93 -28.82
C ARG B 60 -4.47 22.95 -30.20
N GLY B 61 -5.51 23.76 -30.39
CA GLY B 61 -6.17 23.84 -31.68
C GLY B 61 -5.35 24.60 -32.71
N VAL B 62 -4.13 24.94 -32.31
CA VAL B 62 -3.23 25.69 -33.17
C VAL B 62 -1.84 25.03 -33.25
N SER B 63 -1.50 24.24 -32.25
CA SER B 63 -0.19 23.56 -32.18
C SER B 63 0.33 23.05 -33.51
N ALA B 64 -0.47 22.21 -34.16
CA ALA B 64 -0.11 21.61 -35.44
C ALA B 64 0.30 22.66 -36.47
N GLN B 65 -0.53 23.67 -36.64
CA GLN B 65 -0.24 24.74 -37.59
C GLN B 65 1.01 25.50 -37.15
N ALA B 66 1.16 25.64 -35.84
CA ALA B 66 2.30 26.35 -35.26
C ALA B 66 3.59 25.71 -35.73
N GLY B 67 3.54 24.39 -35.95
CA GLY B 67 4.71 23.67 -36.39
C GLY B 67 5.24 24.14 -37.73
N SER B 68 4.39 24.84 -38.49
CA SER B 68 4.78 25.35 -39.80
C SER B 68 4.94 26.86 -39.74
N ASP B 70 6.44 30.57 -37.90
CA ASP B 70 7.61 31.17 -37.34
C ASP B 70 7.37 31.08 -35.85
N ARG B 71 8.34 30.55 -35.11
CA ARG B 71 8.20 30.39 -33.66
C ARG B 71 7.66 31.61 -32.92
N ALA B 72 8.26 32.77 -33.16
CA ALA B 72 7.84 33.97 -32.47
C ALA B 72 6.36 34.18 -32.68
N THR B 73 5.90 33.96 -33.90
CA THR B 73 4.49 34.15 -34.21
C THR B 73 3.62 33.15 -33.48
N ALA B 74 4.07 31.90 -33.39
CA ALA B 74 3.32 30.89 -32.68
C ALA B 74 3.22 31.30 -31.21
N ASP B 75 4.28 31.92 -30.68
CA ASP B 75 4.26 32.35 -29.30
C ASP B 75 3.26 33.47 -29.07
N TYR B 76 3.13 34.37 -30.04
CA TYR B 76 2.16 35.46 -29.90
C TYR B 76 0.76 34.85 -29.83
N GLY B 78 0.11 31.98 -28.54
CA GLY B 78 0.04 31.40 -27.21
C GLY B 78 -0.33 32.49 -26.23
N ALA B 81 -3.85 33.28 -26.18
CA ALA B 81 -4.57 32.24 -25.48
C ALA B 81 -4.59 32.55 -23.99
N THR B 82 -3.48 33.04 -23.44
CA THR B 82 -3.48 33.34 -22.01
C THR B 82 -4.52 34.41 -21.70
N VAL B 83 -4.68 35.37 -22.60
CA VAL B 83 -5.65 36.46 -22.43
C VAL B 83 -7.06 35.89 -22.34
N ASN B 85 -7.94 32.88 -21.38
CA ASN B 85 -8.13 32.23 -20.08
C ASN B 85 -8.22 33.24 -18.98
N ALA B 86 -7.51 34.36 -19.14
CA ALA B 86 -7.56 35.39 -18.10
C ALA B 86 -8.98 35.95 -18.04
N LEU B 87 -9.60 36.16 -19.19
CA LEU B 87 -10.95 36.68 -19.20
C LEU B 87 -11.92 35.73 -18.51
N ALA B 88 -11.82 34.45 -18.85
CA ALA B 88 -12.70 33.45 -18.24
C ALA B 88 -12.43 33.34 -16.75
N LEU B 89 -11.15 33.42 -16.39
CA LEU B 89 -10.72 33.33 -15.01
C LEU B 89 -11.28 34.52 -14.21
N LYS B 90 -11.21 35.73 -14.77
CA LYS B 90 -11.71 36.93 -14.11
C LYS B 90 -13.22 36.90 -13.96
N ASP B 91 -13.90 36.45 -15.01
CA ASP B 91 -15.36 36.36 -15.01
C ASP B 91 -15.83 35.37 -13.96
N ALA B 92 -15.09 34.28 -13.79
CA ALA B 92 -15.43 33.26 -12.81
C ALA B 92 -15.34 33.84 -11.40
N PHE B 93 -14.29 34.61 -11.12
CA PHE B 93 -14.15 35.21 -9.80
C PHE B 93 -15.28 36.22 -9.55
N GLU B 94 -15.67 36.95 -10.58
CA GLU B 94 -16.74 37.93 -10.43
C GLU B 94 -18.00 37.18 -9.97
N THR B 95 -18.23 36.02 -10.55
CA THR B 95 -19.41 35.24 -10.19
C THR B 95 -19.46 34.88 -8.72
N LEU B 96 -18.31 34.76 -8.08
CA LEU B 96 -18.24 34.40 -6.65
C LEU B 96 -18.11 35.62 -5.75
N GLY B 97 -18.25 36.81 -6.31
CA GLY B 97 -18.14 38.02 -5.52
C GLY B 97 -16.72 38.55 -5.30
N ILE B 98 -15.72 37.87 -5.85
CA ILE B 98 -14.34 38.34 -5.71
C ILE B 98 -14.01 39.21 -6.91
N LYS B 99 -13.56 40.44 -6.64
CA LYS B 99 -13.21 41.34 -7.72
C LYS B 99 -11.85 40.97 -8.29
N ALA B 100 -11.74 41.02 -9.61
CA ALA B 100 -10.50 40.67 -10.26
C ALA B 100 -10.19 41.60 -11.42
N ARG B 101 -8.92 41.92 -11.57
CA ARG B 101 -8.47 42.82 -12.63
C ARG B 101 -7.37 42.14 -13.43
N VAL B 102 -7.51 42.16 -14.74
CA VAL B 102 -6.54 41.54 -15.63
C VAL B 102 -5.51 42.55 -16.13
N GLN B 103 -4.23 42.23 -15.99
CA GLN B 103 -3.18 43.11 -16.50
C GLN B 103 -2.40 42.34 -17.53
N SER B 104 -2.19 42.96 -18.68
CA SER B 104 -1.47 42.30 -19.76
C SER B 104 -0.08 42.88 -19.96
N ALA B 105 0.85 42.03 -20.38
CA ALA B 105 2.23 42.45 -20.62
C ALA B 105 2.24 43.26 -21.92
N LEU B 106 1.42 42.84 -22.86
CA LEU B 106 1.29 43.54 -24.13
C LEU B 106 0.11 44.47 -23.94
N SER B 107 0.25 45.69 -24.42
CA SER B 107 -0.80 46.67 -24.32
C SER B 107 -2.04 46.24 -25.09
N GLN B 109 -6.27 47.33 -25.71
CA GLN B 109 -7.18 48.44 -25.54
C GLN B 109 -8.35 48.32 -24.59
N GLN B 110 -9.28 47.41 -24.84
CA GLN B 110 -10.43 47.35 -23.92
C GLN B 110 -10.69 45.99 -23.28
N ILE B 111 -9.88 44.98 -23.63
CA ILE B 111 -10.03 43.65 -23.07
C ILE B 111 -9.31 43.57 -21.73
N ALA B 112 -8.18 44.22 -21.64
CA ALA B 112 -7.41 44.22 -20.40
C ALA B 112 -6.58 45.46 -20.30
N GLU B 113 -6.12 45.71 -19.09
CA GLU B 113 -5.32 46.88 -18.79
C GLU B 113 -3.87 46.49 -18.97
N THR B 114 -3.00 47.46 -19.22
CA THR B 114 -1.59 47.16 -19.37
C THR B 114 -0.93 46.94 -18.02
N TYR B 115 0.10 46.11 -17.97
CA TYR B 115 0.79 45.87 -16.71
C TYR B 115 1.39 47.16 -16.16
N ALA B 116 1.20 47.38 -14.88
CA ALA B 116 1.72 48.56 -14.21
C ALA B 116 1.95 48.22 -12.75
N ARG B 117 3.20 47.96 -12.41
CA ARG B 117 3.61 47.58 -11.06
C ARG B 117 2.82 48.29 -9.95
N PRO B 118 2.79 49.63 -9.97
CA PRO B 118 2.08 50.40 -8.94
C PRO B 118 0.61 50.04 -8.81
N LYS B 119 -0.09 49.96 -9.93
CA LYS B 119 -1.51 49.65 -9.90
C LYS B 119 -1.80 48.21 -9.51
N ALA B 120 -0.97 47.28 -9.97
CA ALA B 120 -1.15 45.88 -9.64
C ALA B 120 -1.06 45.68 -8.12
N ILE B 121 -0.02 46.25 -7.50
CA ILE B 121 0.15 46.11 -6.06
C ILE B 121 -1.06 46.69 -5.33
N GLN B 122 -1.64 47.74 -5.90
CA GLN B 122 -2.77 48.38 -5.29
C GLN B 122 -3.98 47.46 -5.26
N TYR B 123 -4.28 46.82 -6.39
CA TYR B 123 -5.43 45.92 -6.44
C TYR B 123 -5.31 44.82 -5.41
N LEU B 124 -4.08 44.38 -5.17
CA LEU B 124 -3.82 43.34 -4.19
C LEU B 124 -4.16 43.86 -2.81
N GLU B 125 -3.66 45.04 -2.50
CA GLU B 125 -3.90 45.65 -1.21
C GLU B 125 -5.40 45.89 -1.09
N GLU B 126 -6.07 46.09 -2.21
CA GLU B 126 -7.50 46.30 -2.18
C GLU B 126 -8.24 44.96 -2.08
N GLY B 127 -7.48 43.88 -1.96
CA GLY B 127 -8.08 42.55 -1.84
C GLY B 127 -8.63 41.98 -3.14
N LYS B 128 -8.23 42.56 -4.27
CA LYS B 128 -8.70 42.07 -5.56
C LYS B 128 -7.69 41.06 -6.07
N VAL B 129 -8.14 40.14 -6.91
CA VAL B 129 -7.24 39.17 -7.50
C VAL B 129 -6.72 39.81 -8.80
N VAL B 130 -5.40 39.75 -9.01
CA VAL B 130 -4.81 40.30 -10.23
C VAL B 130 -4.33 39.15 -11.12
N ILE B 131 -4.83 39.12 -12.35
CA ILE B 131 -4.49 38.07 -13.29
C ILE B 131 -3.64 38.59 -14.45
N PHE B 132 -2.34 38.32 -14.39
CA PHE B 132 -1.39 38.76 -15.40
C PHE B 132 -1.48 37.88 -16.65
N ALA B 133 -1.62 38.51 -17.82
CA ALA B 133 -1.70 37.72 -19.04
C ALA B 133 -0.59 38.05 -20.04
N ALA B 134 -0.57 37.30 -21.14
CA ALA B 134 0.43 37.51 -22.20
C ALA B 134 1.88 37.27 -21.76
N GLY B 135 2.07 36.51 -20.67
CA GLY B 135 3.41 36.20 -20.20
C GLY B 135 4.28 37.40 -19.89
N THR B 136 5.48 37.41 -20.47
CA THR B 136 6.41 38.52 -20.25
C THR B 136 6.30 39.49 -21.40
N GLY B 137 5.47 39.16 -22.37
CA GLY B 137 5.29 40.03 -23.51
C GLY B 137 6.23 39.75 -24.67
N ASN B 138 7.17 38.81 -24.46
CA ASN B 138 8.14 38.49 -25.51
C ASN B 138 8.08 37.03 -25.90
N PRO B 139 8.48 36.71 -27.14
CA PRO B 139 8.47 35.31 -27.62
C PRO B 139 9.62 34.59 -26.93
N PHE B 140 9.70 33.28 -27.11
CA PHE B 140 10.80 32.49 -26.55
C PHE B 140 10.95 32.43 -25.04
N PHE B 141 9.96 32.92 -24.30
CA PHE B 141 10.02 32.88 -22.85
C PHE B 141 8.84 32.04 -22.38
N THR B 142 9.05 31.24 -21.34
CA THR B 142 7.98 30.37 -20.84
C THR B 142 7.02 31.04 -19.86
N THR B 143 5.88 30.37 -19.65
CA THR B 143 4.89 30.85 -18.72
C THR B 143 5.60 30.95 -17.37
N ASP B 144 6.30 29.89 -17.00
CA ASP B 144 7.00 29.86 -15.73
C ASP B 144 7.93 31.05 -15.51
N THR B 145 8.60 31.51 -16.57
CA THR B 145 9.48 32.67 -16.43
C THR B 145 8.63 33.87 -16.07
N ALA B 146 7.49 34.01 -16.73
CA ALA B 146 6.60 35.12 -16.47
C ALA B 146 6.17 35.10 -15.00
N ALA B 147 5.93 33.92 -14.46
CA ALA B 147 5.52 33.80 -13.07
C ALA B 147 6.62 34.33 -12.15
N ALA B 148 7.87 33.96 -12.44
CA ALA B 148 9.00 34.42 -11.64
C ALA B 148 9.09 35.95 -11.71
N LEU B 149 9.08 36.47 -12.94
CA LEU B 149 9.11 37.90 -13.19
C LEU B 149 8.03 38.63 -12.38
N ARG B 150 6.76 38.26 -12.59
CA ARG B 150 5.67 38.89 -11.86
C ARG B 150 5.74 38.65 -10.35
N GLY B 151 6.13 37.43 -9.96
CA GLY B 151 6.23 37.13 -8.54
C GLY B 151 7.22 38.08 -7.89
N ALA B 152 8.36 38.28 -8.53
CA ALA B 152 9.39 39.16 -8.01
C ALA B 152 8.95 40.62 -8.03
N GLU B 153 8.36 41.05 -9.15
CA GLU B 153 7.90 42.44 -9.27
C GLU B 153 6.87 42.79 -8.22
N ASN B 155 6.66 41.52 -5.41
CA ASN B 155 7.24 41.28 -4.10
C ASN B 155 6.35 40.24 -3.40
N CYS B 156 6.12 39.11 -4.07
CA CYS B 156 5.30 38.06 -3.49
C CYS B 156 6.14 37.24 -2.53
N ASP B 157 5.50 36.72 -1.49
CA ASP B 157 6.18 35.91 -0.48
C ASP B 157 6.65 34.57 -1.01
N VAL B 158 6.04 34.11 -2.09
CA VAL B 158 6.39 32.82 -2.68
C VAL B 158 5.64 32.62 -3.97
N LEU B 160 3.65 29.98 -6.34
CA LEU B 160 3.00 28.69 -6.27
C LEU B 160 2.89 28.06 -7.64
N LYS B 161 3.71 27.06 -7.91
CA LYS B 161 3.67 26.40 -9.20
C LYS B 161 2.68 25.23 -9.20
N ALA B 162 1.43 25.52 -9.54
CA ALA B 162 0.43 24.49 -9.61
C ALA B 162 0.81 23.64 -10.81
N THR B 163 0.76 22.32 -10.67
CA THR B 163 1.10 21.42 -11.77
C THR B 163 0.36 20.09 -11.62
N ASN B 164 0.56 19.19 -12.58
CA ASN B 164 -0.10 17.89 -12.55
C ASN B 164 0.54 16.87 -11.60
N VAL B 165 1.57 17.30 -10.86
CA VAL B 165 2.23 16.44 -9.89
C VAL B 165 1.98 17.08 -8.52
N ASP B 166 2.13 16.33 -7.44
CA ASP B 166 1.89 16.90 -6.11
C ASP B 166 3.16 17.41 -5.45
N GLY B 167 4.27 17.36 -6.18
CA GLY B 167 5.53 17.84 -5.64
C GLY B 167 6.74 17.50 -6.48
N VAL B 168 7.92 17.65 -5.88
CA VAL B 168 9.17 17.33 -6.55
C VAL B 168 9.65 16.00 -5.99
N TYR B 169 9.81 15.01 -6.88
CA TYR B 169 10.23 13.69 -6.45
C TYR B 169 11.71 13.33 -6.57
N THR B 170 12.14 12.44 -5.68
CA THR B 170 13.52 11.99 -5.61
C THR B 170 14.04 11.46 -6.93
N ALA B 171 13.12 11.01 -7.78
CA ALA B 171 13.48 10.47 -9.09
C ALA B 171 12.25 10.32 -9.97
N ASP B 172 12.46 10.31 -11.29
CA ASP B 172 11.37 10.18 -12.24
C ASP B 172 10.50 8.96 -11.90
N PRO B 173 9.28 9.19 -11.39
CA PRO B 173 8.32 8.14 -11.03
C PRO B 173 8.08 7.08 -12.09
N LYS B 174 8.18 7.47 -13.36
CA LYS B 174 7.96 6.51 -14.45
C LYS B 174 9.10 5.51 -14.54
N LYS B 175 10.30 5.93 -14.12
CA LYS B 175 11.47 5.06 -14.15
C LYS B 175 11.77 4.39 -12.81
N ASP B 176 11.17 4.90 -11.74
CA ASP B 176 11.37 4.36 -10.41
C ASP B 176 10.19 4.76 -9.52
N PRO B 177 9.09 4.00 -9.60
CA PRO B 177 7.87 4.24 -8.83
C PRO B 177 8.00 4.32 -7.31
N SER B 178 9.20 4.09 -6.79
CA SER B 178 9.40 4.16 -5.34
C SER B 178 9.96 5.52 -4.94
N ALA B 179 9.83 6.48 -5.86
CA ALA B 179 10.32 7.83 -5.62
C ALA B 179 9.45 8.52 -4.58
N THR B 180 10.08 9.30 -3.72
CA THR B 180 9.38 10.01 -2.66
C THR B 180 9.34 11.51 -2.90
N ARG B 181 8.37 12.19 -2.29
CA ARG B 181 8.20 13.63 -2.41
C ARG B 181 9.09 14.40 -1.45
N TYR B 182 10.03 15.18 -1.99
CA TYR B 182 10.91 15.99 -1.14
C TYR B 182 10.01 16.99 -0.45
N GLU B 183 10.29 17.27 0.82
CA GLU B 183 9.48 18.24 1.52
C GLU B 183 10.16 19.59 1.36
N THR B 184 11.48 19.53 1.15
CA THR B 184 12.27 20.74 1.03
C THR B 184 13.64 20.53 0.36
N ILE B 185 13.98 21.42 -0.56
CA ILE B 185 15.27 21.38 -1.24
C ILE B 185 15.68 22.82 -1.53
N THR B 186 16.98 23.05 -1.67
CA THR B 186 17.46 24.40 -1.98
C THR B 186 17.66 24.49 -3.48
N PHE B 187 17.78 25.71 -4.00
CA PHE B 187 18.00 25.88 -5.42
C PHE B 187 19.23 25.11 -5.87
N ASP B 188 20.27 25.08 -5.03
CA ASP B 188 21.50 24.36 -5.35
C ASP B 188 21.32 22.84 -5.36
N GLU B 189 20.67 22.32 -4.33
CA GLU B 189 20.44 20.88 -4.26
C GLU B 189 19.66 20.45 -5.49
N ALA B 190 18.61 21.20 -5.81
CA ALA B 190 17.79 20.90 -6.97
C ALA B 190 18.68 20.75 -8.20
N LEU B 191 19.63 21.67 -8.35
CA LEU B 191 20.55 21.65 -9.47
C LEU B 191 21.49 20.45 -9.47
N LEU B 192 22.08 20.15 -8.31
CA LEU B 192 23.00 19.01 -8.19
C LEU B 192 22.31 17.74 -8.71
N LYS B 193 21.25 17.35 -8.01
CA LYS B 193 20.51 16.16 -8.39
C LYS B 193 19.67 16.40 -9.62
N ASN B 194 20.01 17.47 -10.36
CA ASN B 194 19.31 17.85 -11.58
C ASN B 194 17.82 17.50 -11.57
N LEU B 195 17.13 17.87 -10.50
CA LEU B 195 15.71 17.60 -10.37
C LEU B 195 14.93 18.66 -11.18
N LYS B 196 13.99 18.22 -11.99
CA LYS B 196 13.21 19.16 -12.79
C LYS B 196 12.10 19.84 -11.98
N VAL B 197 12.17 21.16 -11.87
CA VAL B 197 11.19 21.95 -11.14
C VAL B 197 10.44 22.84 -12.12
N ASP B 199 11.62 25.35 -16.04
CA ASP B 199 12.72 25.58 -16.99
C ASP B 199 13.85 26.40 -16.37
N ALA B 200 15.05 26.21 -16.91
CA ALA B 200 16.25 26.87 -16.41
C ALA B 200 16.13 28.37 -16.24
N THR B 201 15.68 29.07 -17.28
CA THR B 201 15.55 30.52 -17.22
C THR B 201 14.72 31.01 -16.05
N ALA B 202 13.56 30.39 -15.86
CA ALA B 202 12.65 30.75 -14.78
C ALA B 202 13.25 30.40 -13.42
N PHE B 203 13.81 29.19 -13.32
CA PHE B 203 14.40 28.75 -12.06
C PHE B 203 15.49 29.74 -11.67
N ALA B 204 16.35 30.06 -12.63
CA ALA B 204 17.43 31.01 -12.41
C ALA B 204 16.92 32.35 -11.92
N LEU B 205 15.80 32.80 -12.47
CA LEU B 205 15.23 34.08 -12.06
C LEU B 205 14.72 34.00 -10.63
N CYS B 206 13.96 32.95 -10.30
CA CYS B 206 13.46 32.80 -8.93
C CYS B 206 14.62 32.87 -7.94
N ARG B 207 15.69 32.15 -8.27
CA ARG B 207 16.91 32.08 -7.47
C ARG B 207 17.50 33.48 -7.28
N GLU B 208 17.80 34.14 -8.40
CA GLU B 208 18.37 35.48 -8.39
C GLU B 208 17.51 36.47 -7.61
N ARG B 209 16.18 36.43 -7.78
CA ARG B 209 15.33 37.35 -7.05
C ARG B 209 15.01 36.81 -5.66
N LYS B 210 15.48 35.60 -5.37
CA LYS B 210 15.26 34.96 -4.07
C LYS B 210 13.77 34.71 -3.80
N LEU B 211 13.05 34.28 -4.83
CA LEU B 211 11.63 33.99 -4.71
C LEU B 211 11.42 32.50 -4.43
N ASN B 212 11.08 32.15 -3.19
CA ASN B 212 10.84 30.75 -2.83
C ASN B 212 9.74 30.16 -3.69
N ILE B 213 9.88 28.89 -4.03
CA ILE B 213 8.92 28.18 -4.87
C ILE B 213 8.24 27.04 -4.12
N VAL B 214 7.01 26.72 -4.51
CA VAL B 214 6.29 25.61 -3.91
C VAL B 214 5.52 24.88 -5.01
N VAL B 215 6.07 23.76 -5.44
CA VAL B 215 5.45 22.93 -6.47
C VAL B 215 4.38 22.11 -5.78
N PHE B 216 3.19 22.03 -6.37
CA PHE B 216 2.12 21.25 -5.77
C PHE B 216 1.06 20.95 -6.81
N GLY B 217 0.30 19.88 -6.58
CA GLY B 217 -0.75 19.52 -7.52
C GLY B 217 -2.03 20.20 -7.10
N ILE B 218 -2.48 21.18 -7.88
CA ILE B 218 -3.68 21.92 -7.53
C ILE B 218 -4.95 21.11 -7.76
N ALA B 219 -4.92 20.16 -8.70
CA ALA B 219 -6.10 19.36 -8.96
C ALA B 219 -6.58 18.63 -7.69
N LYS B 220 -5.64 18.13 -6.88
CA LYS B 220 -6.04 17.45 -5.65
C LYS B 220 -6.76 18.50 -4.83
N GLU B 221 -8.08 18.37 -4.76
CA GLU B 221 -8.89 19.32 -4.02
C GLU B 221 -8.37 19.59 -2.61
N GLY B 222 -8.31 20.87 -2.26
CA GLY B 222 -7.86 21.28 -0.94
C GLY B 222 -6.37 21.46 -0.76
N SER B 223 -5.57 21.09 -1.75
CA SER B 223 -4.13 21.22 -1.62
C SER B 223 -3.61 22.65 -1.59
N LEU B 224 -4.28 23.56 -2.29
CA LEU B 224 -3.84 24.95 -2.28
C LEU B 224 -3.95 25.48 -0.86
N LYS B 225 -5.14 25.34 -0.28
CA LYS B 225 -5.40 25.79 1.08
C LYS B 225 -4.36 25.25 2.07
N ARG B 226 -3.92 24.02 1.84
CA ARG B 226 -2.93 23.41 2.70
C ARG B 226 -1.58 24.10 2.57
N VAL B 227 -1.19 24.42 1.35
CA VAL B 227 0.09 25.09 1.15
C VAL B 227 0.06 26.45 1.82
N ILE B 228 -1.05 27.16 1.67
CA ILE B 228 -1.19 28.49 2.26
C ILE B 228 -1.19 28.49 3.78
N THR B 229 -1.65 27.39 4.37
CA THR B 229 -1.72 27.29 5.81
C THR B 229 -0.50 26.62 6.43
N GLY B 230 0.38 26.07 5.59
CA GLY B 230 1.58 25.44 6.11
C GLY B 230 1.57 23.93 6.23
N GLU B 231 0.44 23.29 5.96
CA GLU B 231 0.36 21.82 6.04
C GLU B 231 1.45 21.19 5.19
N ASP B 232 1.69 19.89 5.34
CA ASP B 232 2.69 19.26 4.51
C ASP B 232 2.03 18.99 3.18
N GLU B 233 2.33 19.84 2.20
CA GLU B 233 1.77 19.73 0.88
C GLU B 233 2.79 20.26 -0.11
N GLY B 234 2.94 19.57 -1.23
CA GLY B 234 3.90 19.98 -2.23
C GLY B 234 5.32 20.13 -1.70
N THR B 235 6.23 20.51 -2.57
CA THR B 235 7.64 20.70 -2.22
C THR B 235 7.99 22.17 -2.15
N LEU B 236 8.76 22.55 -1.14
CA LEU B 236 9.19 23.94 -1.01
C LEU B 236 10.62 24.08 -1.52
N VAL B 237 10.83 24.94 -2.51
CA VAL B 237 12.16 25.18 -3.07
C VAL B 237 12.60 26.55 -2.58
N HIS B 238 13.57 26.59 -1.66
CA HIS B 238 14.01 27.86 -1.08
C HIS B 238 15.52 28.15 -1.12
N CYS B 239 15.87 29.26 -0.50
CA CYS B 239 17.25 29.74 -0.41
C CYS B 239 17.93 29.20 0.87
N GLN C 4 -29.52 -24.47 32.38
CA GLN C 4 -28.46 -23.41 32.32
C GLN C 4 -27.90 -23.29 30.90
N ILE C 5 -26.96 -24.17 30.55
CA ILE C 5 -26.33 -24.18 29.23
C ILE C 5 -27.12 -24.98 28.20
N LYS C 6 -27.36 -24.38 27.03
CA LYS C 6 -28.09 -25.05 25.96
C LYS C 6 -27.19 -25.96 25.12
N TYR C 7 -25.98 -25.49 24.85
CA TYR C 7 -25.00 -26.23 24.05
C TYR C 7 -23.69 -26.39 24.83
N LYS C 8 -23.30 -27.63 25.10
CA LYS C 8 -22.08 -27.91 25.86
C LYS C 8 -20.83 -27.69 25.02
N ARG C 9 -20.77 -28.34 23.87
CA ARG C 9 -19.64 -28.22 22.95
C ARG C 9 -20.10 -27.56 21.67
N VAL C 10 -19.41 -26.50 21.27
CA VAL C 10 -19.81 -25.79 20.07
C VAL C 10 -18.66 -25.50 19.14
N LEU C 11 -18.91 -25.56 17.85
CA LEU C 11 -17.88 -25.20 16.90
C LEU C 11 -18.30 -23.86 16.32
N LEU C 12 -17.59 -22.81 16.73
CA LEU C 12 -17.87 -21.45 16.30
C LEU C 12 -17.09 -21.05 15.07
N LYS C 13 -17.79 -20.70 14.01
CA LYS C 13 -17.15 -20.30 12.77
C LYS C 13 -16.99 -18.78 12.72
N LEU C 14 -15.76 -18.31 12.56
CA LEU C 14 -15.50 -16.88 12.48
C LEU C 14 -14.88 -16.53 11.15
N SER C 15 -15.46 -15.57 10.45
CA SER C 15 -14.89 -15.16 9.18
C SER C 15 -13.73 -14.28 9.57
N GLY C 16 -12.73 -14.18 8.71
CA GLY C 16 -11.59 -13.32 9.02
C GLY C 16 -12.08 -11.88 9.09
N GLU C 17 -13.12 -11.58 8.31
CA GLU C 17 -13.67 -10.24 8.28
C GLU C 17 -14.24 -9.80 9.63
N SER C 18 -14.74 -10.75 10.41
CA SER C 18 -15.32 -10.41 11.70
C SER C 18 -14.29 -9.91 12.72
N LEU C 19 -13.00 -9.90 12.34
CA LEU C 19 -11.93 -9.44 13.23
C LEU C 19 -11.40 -8.11 12.71
N GLY C 21 -13.38 -5.39 12.04
CA GLY C 21 -14.10 -4.24 12.53
C GLY C 21 -14.50 -3.38 11.34
N SER C 22 -14.35 -2.07 11.47
CA SER C 22 -14.69 -1.16 10.39
C SER C 22 -13.48 -0.84 9.51
N ASP C 23 -12.35 -1.47 9.82
CA ASP C 23 -11.12 -1.25 9.05
C ASP C 23 -11.25 -1.83 7.64
N PRO C 24 -10.37 -1.42 6.73
CA PRO C 24 -10.37 -1.90 5.34
C PRO C 24 -9.62 -3.22 5.18
N PHE C 25 -8.84 -3.58 6.19
CA PHE C 25 -8.08 -4.83 6.14
C PHE C 25 -7.42 -5.16 7.46
N GLY C 26 -6.89 -6.37 7.55
CA GLY C 26 -6.20 -6.81 8.74
C GLY C 26 -7.04 -7.05 9.96
N ILE C 27 -6.39 -7.04 11.11
CA ILE C 27 -7.07 -7.26 12.39
C ILE C 27 -7.18 -5.94 13.16
N ASN C 28 -8.38 -5.61 13.61
CA ASN C 28 -8.60 -4.39 14.38
C ASN C 28 -8.55 -4.71 15.87
N HIS C 29 -7.59 -4.12 16.56
CA HIS C 29 -7.41 -4.39 17.98
C HIS C 29 -8.66 -4.45 18.84
N ASP C 30 -9.42 -3.36 18.84
CA ASP C 30 -10.61 -3.34 19.65
C ASP C 30 -11.62 -4.41 19.27
N THR C 31 -11.68 -4.75 17.98
CA THR C 31 -12.64 -5.76 17.56
C THR C 31 -12.26 -7.15 18.04
N ILE C 32 -11.01 -7.54 17.82
CA ILE C 32 -10.58 -8.87 18.23
C ILE C 32 -10.66 -9.02 19.75
N VAL C 33 -10.37 -7.94 20.48
CA VAL C 33 -10.43 -8.00 21.94
C VAL C 33 -11.88 -8.17 22.40
N GLN C 34 -12.80 -7.53 21.68
CA GLN C 34 -14.21 -7.64 21.99
C GLN C 34 -14.74 -9.05 21.72
N THR C 35 -14.47 -9.55 20.52
CA THR C 35 -14.90 -10.90 20.13
C THR C 35 -14.33 -11.97 21.06
N VAL C 36 -13.03 -11.91 21.32
CA VAL C 36 -12.42 -12.90 22.18
C VAL C 36 -13.10 -12.85 23.52
N GLY C 37 -13.19 -11.65 24.09
CA GLY C 37 -13.83 -11.47 25.38
C GLY C 37 -15.19 -12.14 25.48
N GLU C 38 -16.01 -11.96 24.46
CA GLU C 38 -17.33 -12.56 24.43
C GLU C 38 -17.30 -14.08 24.48
N ILE C 39 -16.32 -14.69 23.84
CA ILE C 39 -16.20 -16.14 23.84
C ILE C 39 -15.61 -16.59 25.17
N ALA C 40 -14.70 -15.78 25.70
CA ALA C 40 -14.06 -16.06 26.98
C ALA C 40 -15.16 -16.17 28.04
N GLU C 41 -16.28 -15.52 27.76
CA GLU C 41 -17.42 -15.50 28.66
C GLU C 41 -18.13 -16.86 28.70
N VAL C 42 -18.50 -17.39 27.53
CA VAL C 42 -19.19 -18.68 27.48
C VAL C 42 -18.23 -19.81 27.87
N VAL C 43 -16.94 -19.62 27.64
CA VAL C 43 -15.97 -20.64 28.00
C VAL C 43 -16.00 -20.79 29.51
N LYS C 44 -15.85 -19.69 30.23
CA LYS C 44 -15.88 -19.71 31.69
C LYS C 44 -17.18 -20.36 32.19
N GLY C 46 -18.31 -23.04 31.25
CA GLY C 46 -18.20 -24.47 31.04
C GLY C 46 -18.48 -24.97 29.63
N VAL C 47 -18.44 -24.07 28.65
CA VAL C 47 -18.68 -24.48 27.27
C VAL C 47 -17.36 -24.78 26.58
N GLN C 48 -17.29 -25.95 25.96
CA GLN C 48 -16.09 -26.37 25.24
C GLN C 48 -16.25 -25.74 23.86
N VAL C 49 -15.29 -24.90 23.49
CA VAL C 49 -15.37 -24.19 22.22
C VAL C 49 -14.25 -24.41 21.23
N GLY C 50 -14.63 -24.86 20.04
CA GLY C 50 -13.66 -25.06 18.99
C GLY C 50 -13.91 -23.96 17.98
N ILE C 51 -12.87 -23.39 17.40
CA ILE C 51 -13.02 -22.33 16.42
C ILE C 51 -12.36 -22.64 15.08
N VAL C 52 -13.05 -22.26 14.01
CA VAL C 52 -12.56 -22.41 12.65
C VAL C 52 -12.62 -20.96 12.18
N VAL C 53 -11.49 -20.38 11.80
CA VAL C 53 -11.48 -18.99 11.36
C VAL C 53 -11.03 -18.81 9.90
N GLY C 54 -11.68 -17.89 9.19
CA GLY C 54 -11.33 -17.64 7.79
C GLY C 54 -10.18 -16.63 7.72
N GLY C 55 -9.80 -16.25 6.50
CA GLY C 55 -8.71 -15.30 6.34
C GLY C 55 -9.05 -14.16 5.41
N GLY C 56 -10.34 -13.91 5.21
CA GLY C 56 -10.76 -12.84 4.32
C GLY C 56 -10.16 -11.47 4.61
N ASN C 57 -10.04 -11.14 5.89
CA ASN C 57 -9.49 -9.85 6.29
C ASN C 57 -8.06 -9.66 5.80
N ILE C 58 -7.25 -10.71 5.90
CA ILE C 58 -5.87 -10.62 5.46
C ILE C 58 -5.78 -10.87 3.96
N PHE C 59 -6.67 -11.71 3.45
CA PHE C 59 -6.65 -12.03 2.03
C PHE C 59 -6.92 -10.82 1.15
N ARG C 60 -7.51 -9.77 1.71
CA ARG C 60 -7.82 -8.57 0.95
C ARG C 60 -6.61 -7.97 0.24
N GLY C 61 -5.50 -7.91 0.96
CA GLY C 61 -4.28 -7.35 0.41
C GLY C 61 -3.63 -8.14 -0.70
N VAL C 62 -4.14 -9.34 -0.97
CA VAL C 62 -3.57 -10.16 -2.02
C VAL C 62 -4.69 -10.65 -2.92
N SER C 63 -5.91 -10.21 -2.63
CA SER C 63 -7.06 -10.62 -3.41
C SER C 63 -6.89 -10.24 -4.88
N ALA C 64 -6.59 -8.96 -5.13
CA ALA C 64 -6.41 -8.46 -6.49
C ALA C 64 -5.41 -9.30 -7.29
N GLN C 65 -4.29 -9.63 -6.65
CA GLN C 65 -3.26 -10.43 -7.30
C GLN C 65 -3.74 -11.87 -7.51
N ALA C 66 -4.51 -12.36 -6.54
CA ALA C 66 -5.05 -13.72 -6.59
C ALA C 66 -5.75 -13.98 -7.91
N GLY C 67 -6.57 -13.02 -8.34
CA GLY C 67 -7.29 -13.15 -9.59
C GLY C 67 -6.39 -13.53 -10.74
N SER C 68 -5.16 -13.08 -10.70
CA SER C 68 -4.19 -13.36 -11.76
C SER C 68 -3.43 -14.65 -11.48
N ASP C 70 -3.24 -18.89 -10.03
CA ASP C 70 -3.97 -20.15 -10.08
C ASP C 70 -4.81 -20.17 -8.81
N ARG C 71 -6.03 -20.69 -8.91
CA ARG C 71 -6.93 -20.72 -7.76
C ARG C 71 -6.44 -21.59 -6.60
N ALA C 72 -5.84 -22.73 -6.91
CA ALA C 72 -5.32 -23.60 -5.88
C ALA C 72 -4.33 -22.79 -5.03
N THR C 73 -3.43 -22.09 -5.72
CA THR C 73 -2.42 -21.29 -5.05
C THR C 73 -3.08 -20.14 -4.30
N ALA C 74 -4.18 -19.63 -4.82
CA ALA C 74 -4.84 -18.53 -4.14
C ALA C 74 -5.42 -19.05 -2.83
N ASP C 75 -6.06 -20.21 -2.88
CA ASP C 75 -6.63 -20.78 -1.68
C ASP C 75 -5.58 -21.11 -0.62
N TYR C 76 -4.36 -21.43 -1.06
CA TYR C 76 -3.31 -21.73 -0.10
C TYR C 76 -2.93 -20.44 0.61
N GLY C 78 -4.96 -18.12 1.14
CA GLY C 78 -6.08 -17.89 2.02
C GLY C 78 -5.87 -18.69 3.30
N ALA C 81 -3.37 -17.12 5.48
CA ALA C 81 -4.00 -16.03 6.17
C ALA C 81 -4.70 -16.51 7.44
N THR C 82 -5.45 -17.61 7.35
CA THR C 82 -6.15 -18.11 8.54
C THR C 82 -5.20 -18.50 9.70
N VAL C 83 -3.96 -18.86 9.38
CA VAL C 83 -3.03 -19.22 10.43
C VAL C 83 -2.72 -17.96 11.22
N ASN C 85 -4.59 -15.35 11.64
CA ASN C 85 -5.70 -14.98 12.52
C ASN C 85 -5.75 -15.93 13.71
N ALA C 86 -5.44 -17.19 13.47
CA ALA C 86 -5.46 -18.19 14.53
C ALA C 86 -4.47 -17.83 15.64
N LEU C 87 -3.27 -17.38 15.25
CA LEU C 87 -2.25 -17.00 16.22
C LEU C 87 -2.70 -15.79 17.01
N ALA C 88 -3.16 -14.77 16.30
CA ALA C 88 -3.63 -13.54 16.92
C ALA C 88 -4.73 -13.88 17.92
N LEU C 89 -5.67 -14.72 17.51
CA LEU C 89 -6.78 -15.14 18.34
C LEU C 89 -6.26 -15.87 19.57
N LYS C 90 -5.38 -16.83 19.34
CA LYS C 90 -4.80 -17.62 20.42
C LYS C 90 -4.14 -16.72 21.46
N ASP C 91 -3.37 -15.75 20.99
CA ASP C 91 -2.67 -14.85 21.87
C ASP C 91 -3.67 -14.05 22.68
N ALA C 92 -4.75 -13.63 22.03
CA ALA C 92 -5.79 -12.86 22.70
C ALA C 92 -6.30 -13.64 23.91
N PHE C 93 -6.64 -14.90 23.72
CA PHE C 93 -7.14 -15.72 24.80
C PHE C 93 -6.19 -15.83 25.98
N GLU C 94 -4.89 -15.91 25.71
CA GLU C 94 -3.90 -16.03 26.77
C GLU C 94 -3.96 -14.81 27.68
N THR C 95 -4.06 -13.64 27.06
CA THR C 95 -4.14 -12.37 27.76
C THR C 95 -5.26 -12.36 28.80
N LEU C 96 -6.34 -13.09 28.53
CA LEU C 96 -7.47 -13.13 29.44
C LEU C 96 -7.36 -14.34 30.35
N GLY C 97 -6.17 -14.93 30.39
CA GLY C 97 -5.95 -16.08 31.25
C GLY C 97 -6.43 -17.41 30.72
N ILE C 98 -7.07 -17.42 29.55
CA ILE C 98 -7.55 -18.66 28.97
C ILE C 98 -6.50 -19.35 28.10
N LYS C 99 -6.42 -20.66 28.23
CA LYS C 99 -5.47 -21.47 27.50
C LYS C 99 -6.06 -21.86 26.14
N ALA C 100 -5.26 -21.76 25.09
CA ALA C 100 -5.73 -22.11 23.77
C ALA C 100 -4.64 -22.75 22.94
N ARG C 101 -5.06 -23.65 22.05
CA ARG C 101 -4.13 -24.33 21.19
C ARG C 101 -4.58 -24.21 19.74
N VAL C 102 -3.61 -24.06 18.84
CA VAL C 102 -3.87 -23.91 17.41
C VAL C 102 -3.57 -25.18 16.62
N GLN C 103 -4.61 -25.81 16.06
CA GLN C 103 -4.43 -27.03 15.24
C GLN C 103 -4.55 -26.66 13.77
N SER C 104 -3.57 -27.06 12.96
CA SER C 104 -3.62 -26.75 11.53
C SER C 104 -3.96 -27.98 10.71
N ALA C 105 -4.71 -27.79 9.63
CA ALA C 105 -5.09 -28.90 8.76
C ALA C 105 -3.83 -29.40 8.04
N LEU C 106 -2.95 -28.44 7.73
CA LEU C 106 -1.68 -28.71 7.07
C LEU C 106 -0.61 -28.63 8.17
N SER C 107 0.37 -29.53 8.14
CA SER C 107 1.45 -29.54 9.13
C SER C 107 2.25 -28.26 9.13
N GLN C 109 5.53 -26.25 11.32
CA GLN C 109 6.62 -26.65 12.20
C GLN C 109 6.46 -26.14 13.61
N GLN C 110 6.62 -24.83 13.83
CA GLN C 110 6.50 -24.36 15.20
C GLN C 110 5.40 -23.33 15.38
N ILE C 111 4.74 -22.96 14.29
CA ILE C 111 3.66 -21.99 14.37
C ILE C 111 2.44 -22.66 15.03
N ALA C 112 2.24 -23.93 14.72
CA ALA C 112 1.11 -24.66 15.27
C ALA C 112 1.27 -26.16 15.24
N GLU C 113 0.34 -26.83 15.89
CA GLU C 113 0.30 -28.27 16.02
C GLU C 113 -0.58 -28.83 14.90
N THR C 114 -0.20 -29.96 14.32
CA THR C 114 -1.00 -30.56 13.27
C THR C 114 -2.31 -31.13 13.83
N TYR C 115 -3.39 -30.96 13.08
CA TYR C 115 -4.67 -31.46 13.53
C TYR C 115 -4.63 -32.96 13.80
N ALA C 116 -5.19 -33.36 14.94
CA ALA C 116 -5.27 -34.75 15.37
C ALA C 116 -6.46 -34.84 16.31
N ARG C 117 -7.55 -35.42 15.82
CA ARG C 117 -8.78 -35.55 16.57
C ARG C 117 -8.67 -35.89 18.05
N PRO C 118 -8.01 -37.02 18.39
CA PRO C 118 -7.85 -37.41 19.79
C PRO C 118 -7.29 -36.32 20.69
N LYS C 119 -6.41 -35.48 20.16
CA LYS C 119 -5.83 -34.41 20.95
C LYS C 119 -6.75 -33.21 20.99
N ALA C 120 -7.41 -32.91 19.88
CA ALA C 120 -8.33 -31.79 19.84
C ALA C 120 -9.41 -32.06 20.87
N ILE C 121 -10.05 -33.22 20.79
CA ILE C 121 -11.09 -33.55 21.75
C ILE C 121 -10.46 -33.50 23.14
N GLN C 122 -9.23 -33.97 23.26
CA GLN C 122 -8.51 -33.94 24.52
C GLN C 122 -8.62 -32.53 25.09
N TYR C 123 -8.05 -31.56 24.37
CA TYR C 123 -8.08 -30.17 24.80
C TYR C 123 -9.47 -29.69 25.18
N LEU C 124 -10.46 -29.99 24.35
CA LEU C 124 -11.83 -29.56 24.62
C LEU C 124 -12.29 -29.97 26.01
N GLU C 125 -11.90 -31.18 26.41
CA GLU C 125 -12.25 -31.67 27.73
C GLU C 125 -11.45 -30.93 28.79
N GLU C 126 -10.18 -30.68 28.51
CA GLU C 126 -9.33 -29.96 29.45
C GLU C 126 -9.82 -28.52 29.60
N GLY C 127 -10.94 -28.22 28.94
CA GLY C 127 -11.50 -26.88 29.02
C GLY C 127 -10.68 -25.80 28.35
N LYS C 128 -10.08 -26.11 27.19
CA LYS C 128 -9.28 -25.14 26.46
C LYS C 128 -9.99 -24.75 25.17
N VAL C 129 -9.52 -23.69 24.53
CA VAL C 129 -10.09 -23.24 23.27
C VAL C 129 -9.21 -23.81 22.15
N VAL C 130 -9.82 -24.48 21.19
CA VAL C 130 -9.08 -25.04 20.08
C VAL C 130 -9.43 -24.31 18.80
N ILE C 131 -8.43 -23.63 18.24
CA ILE C 131 -8.60 -22.86 17.01
C ILE C 131 -8.00 -23.61 15.83
N PHE C 132 -8.86 -24.08 14.92
CA PHE C 132 -8.46 -24.83 13.75
C PHE C 132 -8.10 -23.89 12.62
N ALA C 133 -6.92 -24.09 12.03
CA ALA C 133 -6.49 -23.25 10.94
C ALA C 133 -6.20 -24.05 9.67
N ALA C 134 -6.03 -23.35 8.56
CA ALA C 134 -5.75 -23.97 7.28
C ALA C 134 -6.98 -24.69 6.68
N GLY C 135 -8.15 -24.49 7.29
CA GLY C 135 -9.37 -25.10 6.79
C GLY C 135 -9.35 -26.61 6.66
N THR C 136 -9.79 -27.13 5.52
CA THR C 136 -9.79 -28.57 5.34
C THR C 136 -8.41 -29.04 4.92
N GLY C 137 -7.58 -28.07 4.57
CA GLY C 137 -6.23 -28.38 4.15
C GLY C 137 -6.16 -28.56 2.65
N ASN C 138 -7.33 -28.47 2.02
CA ASN C 138 -7.43 -28.63 0.59
C ASN C 138 -7.98 -27.40 -0.10
N PRO C 139 -7.51 -27.11 -1.33
CA PRO C 139 -7.96 -25.96 -2.11
C PRO C 139 -9.40 -26.24 -2.53
N PHE C 140 -10.08 -25.22 -3.01
CA PHE C 140 -11.45 -25.35 -3.51
C PHE C 140 -12.53 -25.65 -2.49
N PHE C 141 -12.21 -25.63 -1.21
CA PHE C 141 -13.23 -25.87 -0.19
C PHE C 141 -13.37 -24.60 0.63
N THR C 142 -14.60 -24.22 0.93
CA THR C 142 -14.85 -23.00 1.70
C THR C 142 -14.63 -23.15 3.19
N THR C 143 -14.46 -22.03 3.86
CA THR C 143 -14.27 -22.02 5.30
C THR C 143 -15.45 -22.68 6.00
N ASP C 144 -16.66 -22.44 5.53
CA ASP C 144 -17.84 -23.04 6.14
C ASP C 144 -17.78 -24.58 6.08
N THR C 145 -17.18 -25.10 5.02
CA THR C 145 -17.05 -26.55 4.89
C THR C 145 -16.06 -27.05 5.94
N ALA C 146 -15.00 -26.27 6.18
CA ALA C 146 -14.02 -26.67 7.17
C ALA C 146 -14.72 -26.72 8.54
N ALA C 147 -15.52 -25.69 8.83
CA ALA C 147 -16.27 -25.63 10.09
C ALA C 147 -17.13 -26.87 10.29
N ALA C 148 -17.89 -27.24 9.25
CA ALA C 148 -18.75 -28.41 9.31
C ALA C 148 -17.92 -29.64 9.57
N LEU C 149 -16.86 -29.80 8.78
CA LEU C 149 -15.96 -30.93 8.92
C LEU C 149 -15.53 -31.07 10.38
N ARG C 150 -14.88 -30.02 10.88
CA ARG C 150 -14.38 -30.00 12.25
C ARG C 150 -15.50 -30.13 13.28
N GLY C 151 -16.63 -29.48 13.01
CA GLY C 151 -17.75 -29.55 13.93
C GLY C 151 -18.21 -30.97 14.15
N ALA C 152 -18.39 -31.69 13.04
CA ALA C 152 -18.81 -33.08 13.06
C ALA C 152 -17.71 -33.97 13.64
N GLU C 153 -16.47 -33.70 13.26
CA GLU C 153 -15.36 -34.49 13.77
C GLU C 153 -15.25 -34.34 15.26
N ASN C 155 -17.63 -33.76 17.26
CA ASN C 155 -18.86 -34.18 17.90
C ASN C 155 -19.47 -32.99 18.63
N CYS C 156 -19.53 -31.87 17.94
CA CYS C 156 -20.09 -30.66 18.52
C CYS C 156 -21.61 -30.74 18.52
N ASP C 157 -22.22 -30.16 19.54
CA ASP C 157 -23.67 -30.16 19.65
C ASP C 157 -24.29 -29.27 18.58
N VAL C 158 -23.54 -28.27 18.13
CA VAL C 158 -24.02 -27.34 17.13
C VAL C 158 -22.90 -26.48 16.55
N LEU C 160 -21.95 -22.79 15.27
CA LEU C 160 -22.43 -21.43 15.35
C LEU C 160 -21.83 -20.61 14.21
N LYS C 161 -22.63 -20.24 13.22
CA LYS C 161 -22.09 -19.47 12.12
C LYS C 161 -22.21 -17.98 12.40
N ALA C 162 -21.14 -17.40 12.93
CA ALA C 162 -21.16 -15.97 13.22
C ALA C 162 -21.12 -15.24 11.88
N THR C 163 -21.87 -14.14 11.76
CA THR C 163 -21.87 -13.39 10.52
C THR C 163 -22.24 -11.91 10.72
N ASN C 164 -22.28 -11.16 9.63
CA ASN C 164 -22.62 -9.73 9.67
C ASN C 164 -24.13 -9.50 9.77
N VAL C 165 -24.86 -10.56 10.09
CA VAL C 165 -26.32 -10.50 10.24
C VAL C 165 -26.77 -11.30 11.46
N ASP C 166 -27.78 -10.81 12.15
CA ASP C 166 -28.26 -11.48 13.37
C ASP C 166 -29.18 -12.67 13.15
N GLY C 167 -29.34 -13.09 11.90
CA GLY C 167 -30.18 -14.24 11.61
C GLY C 167 -30.58 -14.36 10.15
N VAL C 168 -31.33 -15.40 9.84
CA VAL C 168 -31.79 -15.62 8.48
C VAL C 168 -33.17 -14.98 8.30
N TYR C 169 -33.29 -14.14 7.27
CA TYR C 169 -34.54 -13.46 7.01
C TYR C 169 -35.26 -13.92 5.75
N THR C 170 -36.58 -13.73 5.74
CA THR C 170 -37.42 -14.10 4.61
C THR C 170 -37.04 -13.25 3.40
N ALA C 171 -36.25 -12.22 3.65
CA ALA C 171 -35.77 -11.31 2.62
C ALA C 171 -34.71 -10.41 3.25
N ASP C 172 -33.89 -9.78 2.40
CA ASP C 172 -32.83 -8.90 2.90
C ASP C 172 -33.44 -7.73 3.67
N PRO C 173 -33.22 -7.68 4.99
CA PRO C 173 -33.77 -6.60 5.81
C PRO C 173 -33.09 -5.25 5.51
N LYS C 174 -31.77 -5.28 5.32
CA LYS C 174 -31.00 -4.08 5.03
C LYS C 174 -31.51 -3.36 3.77
N LYS C 175 -31.81 -4.12 2.72
CA LYS C 175 -32.31 -3.57 1.47
C LYS C 175 -33.84 -3.72 1.38
N ASP C 176 -34.49 -3.74 2.53
CA ASP C 176 -35.95 -3.86 2.64
C ASP C 176 -36.35 -4.27 4.06
N PRO C 177 -36.78 -3.30 4.89
CA PRO C 177 -37.19 -3.53 6.28
C PRO C 177 -38.64 -4.05 6.42
N SER C 178 -38.99 -5.05 5.63
CA SER C 178 -40.34 -5.60 5.68
C SER C 178 -40.33 -7.10 5.90
N ALA C 179 -39.14 -7.70 5.93
CA ALA C 179 -39.01 -9.15 6.12
C ALA C 179 -38.97 -9.55 7.60
N THR C 180 -38.78 -10.84 7.85
CA THR C 180 -38.75 -11.35 9.20
C THR C 180 -37.62 -12.36 9.41
N ARG C 181 -37.10 -12.39 10.63
CA ARG C 181 -36.02 -13.31 11.00
C ARG C 181 -36.55 -14.67 11.41
N TYR C 182 -36.37 -15.67 10.55
CA TYR C 182 -36.81 -17.02 10.87
C TYR C 182 -36.27 -17.38 12.24
N GLU C 183 -37.12 -17.92 13.10
CA GLU C 183 -36.67 -18.30 14.43
C GLU C 183 -35.98 -19.64 14.32
N THR C 184 -36.52 -20.50 13.44
CA THR C 184 -35.97 -21.83 13.25
C THR C 184 -36.49 -22.47 11.97
N ILE C 185 -35.58 -22.99 11.15
CA ILE C 185 -35.96 -23.64 9.91
C ILE C 185 -35.35 -25.03 9.87
N THR C 186 -35.66 -25.76 8.81
CA THR C 186 -35.10 -27.10 8.62
C THR C 186 -34.31 -27.02 7.32
N PHE C 187 -33.28 -27.85 7.21
CA PHE C 187 -32.44 -27.87 6.02
C PHE C 187 -33.23 -27.82 4.73
N ASP C 188 -34.19 -28.73 4.58
CA ASP C 188 -35.02 -28.80 3.38
C ASP C 188 -35.82 -27.52 3.10
N GLU C 189 -36.35 -26.93 4.16
CA GLU C 189 -37.10 -25.71 3.99
C GLU C 189 -36.15 -24.63 3.46
N ALA C 190 -34.99 -24.52 4.08
CA ALA C 190 -33.98 -23.54 3.67
C ALA C 190 -33.70 -23.65 2.18
N LEU C 191 -33.38 -24.87 1.74
CA LEU C 191 -33.09 -25.13 0.34
C LEU C 191 -34.28 -24.77 -0.54
N LEU C 192 -35.46 -25.18 -0.09
CA LEU C 192 -36.69 -24.93 -0.84
C LEU C 192 -36.94 -23.44 -1.00
N LYS C 193 -36.77 -22.69 0.08
CA LYS C 193 -37.00 -21.26 0.07
C LYS C 193 -35.79 -20.42 -0.35
N ASN C 194 -34.79 -21.07 -0.93
CA ASN C 194 -33.59 -20.38 -1.40
C ASN C 194 -32.94 -19.45 -0.38
N LEU C 195 -32.99 -19.81 0.89
CA LEU C 195 -32.38 -19.00 1.93
C LEU C 195 -30.91 -19.36 1.97
N LYS C 196 -30.05 -18.42 1.58
CA LYS C 196 -28.61 -18.66 1.58
C LYS C 196 -28.07 -18.69 3.00
N VAL C 197 -27.78 -19.88 3.51
CA VAL C 197 -27.24 -20.01 4.87
C VAL C 197 -25.74 -20.20 4.75
N ASP C 199 -22.68 -22.20 1.56
CA ASP C 199 -22.56 -22.87 0.28
C ASP C 199 -23.13 -24.29 0.39
N ALA C 200 -23.50 -24.87 -0.74
CA ALA C 200 -24.10 -26.21 -0.79
C ALA C 200 -23.30 -27.34 -0.15
N THR C 201 -22.00 -27.40 -0.44
CA THR C 201 -21.14 -28.43 0.11
C THR C 201 -21.13 -28.37 1.63
N ALA C 202 -20.86 -27.18 2.16
CA ALA C 202 -20.83 -26.99 3.60
C ALA C 202 -22.16 -27.41 4.21
N PHE C 203 -23.23 -26.86 3.64
CA PHE C 203 -24.60 -27.12 4.07
C PHE C 203 -24.93 -28.61 4.03
N ALA C 204 -24.51 -29.26 2.96
CA ALA C 204 -24.75 -30.68 2.75
C ALA C 204 -24.08 -31.52 3.80
N LEU C 205 -22.88 -31.12 4.20
CA LEU C 205 -22.14 -31.89 5.18
C LEU C 205 -22.87 -31.85 6.52
N CYS C 206 -23.25 -30.66 6.97
CA CYS C 206 -23.95 -30.53 8.24
C CYS C 206 -25.16 -31.45 8.31
N ARG C 207 -25.93 -31.50 7.23
CA ARG C 207 -27.11 -32.36 7.21
C ARG C 207 -26.73 -33.84 7.33
N GLU C 208 -25.79 -34.29 6.50
CA GLU C 208 -25.38 -35.69 6.54
C GLU C 208 -24.75 -36.07 7.88
N ARG C 209 -24.10 -35.13 8.54
CA ARG C 209 -23.51 -35.45 9.83
C ARG C 209 -24.48 -35.09 10.93
N LYS C 210 -25.61 -34.53 10.53
CA LYS C 210 -26.67 -34.12 11.44
C LYS C 210 -26.21 -33.02 12.38
N LEU C 211 -25.43 -32.08 11.86
CA LEU C 211 -24.94 -30.98 12.67
C LEU C 211 -25.81 -29.73 12.45
N ASN C 212 -26.50 -29.31 13.51
CA ASN C 212 -27.36 -28.13 13.43
C ASN C 212 -26.56 -26.83 13.41
N ILE C 213 -27.13 -25.84 12.74
CA ILE C 213 -26.49 -24.54 12.60
C ILE C 213 -27.31 -23.48 13.30
N VAL C 214 -26.66 -22.40 13.72
CA VAL C 214 -27.33 -21.30 14.36
C VAL C 214 -26.69 -20.04 13.78
N VAL C 215 -27.28 -19.51 12.72
CA VAL C 215 -26.75 -18.29 12.12
C VAL C 215 -27.01 -17.15 13.08
N PHE C 216 -26.04 -16.25 13.25
CA PHE C 216 -26.20 -15.14 14.17
C PHE C 216 -25.08 -14.13 14.09
N GLY C 217 -25.42 -12.85 14.24
CA GLY C 217 -24.42 -11.79 14.19
C GLY C 217 -23.69 -11.73 15.52
N ILE C 218 -22.37 -11.84 15.49
CA ILE C 218 -21.60 -11.83 16.73
C ILE C 218 -21.15 -10.43 17.16
N ALA C 219 -21.19 -9.48 16.24
CA ALA C 219 -20.80 -8.12 16.59
C ALA C 219 -21.70 -7.62 17.73
N LYS C 220 -23.01 -7.82 17.57
CA LYS C 220 -23.98 -7.42 18.59
C LYS C 220 -23.60 -8.03 19.93
N GLU C 221 -23.21 -7.19 20.88
CA GLU C 221 -22.80 -7.70 22.18
C GLU C 221 -23.89 -8.55 22.83
N GLY C 222 -23.48 -9.66 23.42
CA GLY C 222 -24.42 -10.55 24.08
C GLY C 222 -24.93 -11.69 23.20
N SER C 223 -24.95 -11.49 21.89
CA SER C 223 -25.44 -12.49 20.94
C SER C 223 -24.98 -13.92 21.22
N LEU C 224 -23.66 -14.12 21.30
CA LEU C 224 -23.12 -15.43 21.57
C LEU C 224 -23.69 -15.93 22.88
N LYS C 225 -23.48 -15.13 23.92
CA LYS C 225 -23.98 -15.44 25.26
C LYS C 225 -25.44 -15.88 25.22
N ARG C 226 -26.22 -15.24 24.35
CA ARG C 226 -27.63 -15.57 24.20
C ARG C 226 -27.85 -16.94 23.59
N VAL C 227 -27.23 -17.19 22.45
CA VAL C 227 -27.40 -18.47 21.78
C VAL C 227 -27.06 -19.69 22.64
N ILE C 228 -25.88 -19.69 23.25
CA ILE C 228 -25.50 -20.86 24.06
C ILE C 228 -26.38 -21.05 25.30
N THR C 229 -27.04 -19.98 25.75
CA THR C 229 -27.91 -20.08 26.91
C THR C 229 -29.31 -20.56 26.53
N GLY C 230 -29.68 -20.34 25.27
CA GLY C 230 -30.99 -20.78 24.82
C GLY C 230 -31.99 -19.68 24.55
N GLU C 231 -31.57 -18.44 24.75
CA GLU C 231 -32.46 -17.30 24.51
C GLU C 231 -32.86 -17.26 23.04
N ASP C 232 -33.74 -16.33 22.69
CA ASP C 232 -34.17 -16.19 21.31
C ASP C 232 -33.14 -15.32 20.61
N GLU C 233 -32.37 -15.91 19.70
CA GLU C 233 -31.33 -15.17 18.99
C GLU C 233 -30.89 -15.94 17.75
N GLY C 234 -30.84 -15.26 16.61
CA GLY C 234 -30.43 -15.91 15.38
C GLY C 234 -31.29 -17.09 14.97
N THR C 235 -31.22 -17.41 13.67
CA THR C 235 -31.97 -18.51 13.11
C THR C 235 -31.34 -19.85 13.45
N LEU C 236 -32.15 -20.89 13.63
CA LEU C 236 -31.63 -22.20 13.92
C LEU C 236 -32.00 -23.14 12.79
N VAL C 237 -31.01 -23.56 12.00
CA VAL C 237 -31.29 -24.48 10.92
C VAL C 237 -31.01 -25.87 11.49
N HIS C 238 -32.06 -26.68 11.62
CA HIS C 238 -31.93 -28.02 12.19
C HIS C 238 -32.53 -29.07 11.27
N CYS C 239 -32.46 -30.33 11.69
CA CYS C 239 -33.02 -31.43 10.91
C CYS C 239 -34.05 -32.19 11.73
#